data_8SXL
# 
_entry.id   8SXL 
# 
_audit_conform.dict_name       mmcif_pdbx.dic 
_audit_conform.dict_version    5.383 
_audit_conform.dict_location   http://mmcif.pdb.org/dictionaries/ascii/mmcif_pdbx.dic 
# 
loop_
_database_2.database_id 
_database_2.database_code 
_database_2.pdbx_database_accession 
_database_2.pdbx_DOI 
PDB   8SXL         pdb_00008sxl 10.2210/pdb8sxl/pdb 
WWPDB D_1000274699 ?            ?                   
# 
_pdbx_database_status.status_code                     REL 
_pdbx_database_status.status_code_sf                  REL 
_pdbx_database_status.status_code_mr                  ? 
_pdbx_database_status.entry_id                        8SXL 
_pdbx_database_status.recvd_initial_deposition_date   2023-05-22 
_pdbx_database_status.SG_entry                        N 
_pdbx_database_status.deposit_site                    RCSB 
_pdbx_database_status.process_site                    RCSB 
_pdbx_database_status.status_code_cs                  ? 
_pdbx_database_status.status_code_nmr_data            ? 
_pdbx_database_status.methods_development_category    ? 
_pdbx_database_status.pdb_format_compatible           Y 
# 
loop_
_audit_author.name 
_audit_author.pdbx_ordinal 
_audit_author.identifier_ORCID 
'Zhang, W.'  1 0000-0003-4811-4384 
'Dantsu, Y.' 2 0000-0001-6774-8724 
# 
_citation.abstract                  ? 
_citation.abstract_id_CAS           ? 
_citation.book_id_ISBN              ? 
_citation.book_publisher            ? 
_citation.book_publisher_city       ? 
_citation.book_title                ? 
_citation.coordinate_linkage        ? 
_citation.country                   UK 
_citation.database_id_Medline       ? 
_citation.details                   ? 
_citation.id                        primary 
_citation.journal_abbrev            'Rsc Chem Biol' 
_citation.journal_id_ASTM           ? 
_citation.journal_id_CSD            ? 
_citation.journal_id_ISSN           2633-0679 
_citation.journal_full              ? 
_citation.journal_issue             ? 
_citation.journal_volume            4 
_citation.language                  ? 
_citation.page_first                942 
_citation.page_last                 951 
_citation.title                     
'Insight into the structures of unusual base pairs in RNA complexes containing a primer/template/adenosine ligand.' 
_citation.year                      2023 
_citation.database_id_CSD           ? 
_citation.pdbx_database_id_DOI      10.1039/d3cb00137g 
_citation.pdbx_database_id_PubMed   37920395 
_citation.pdbx_database_id_patent   ? 
_citation.unpublished_flag          ? 
# 
loop_
_citation_author.citation_id 
_citation_author.name 
_citation_author.ordinal 
_citation_author.identifier_ORCID 
primary 'Dantsu, Y.' 1 0000-0001-6774-8724 
primary 'Zhang, Y.'  2 ?                   
primary 'Zhang, W.'  3 0000-0003-4811-4384 
# 
_cell.angle_alpha                  90.00 
_cell.angle_alpha_esd              ? 
_cell.angle_beta                   90.00 
_cell.angle_beta_esd               ? 
_cell.angle_gamma                  120.00 
_cell.angle_gamma_esd              ? 
_cell.entry_id                     8SXL 
_cell.details                      ? 
_cell.formula_units_Z              ? 
_cell.length_a                     43.838 
_cell.length_a_esd                 ? 
_cell.length_b                     43.838 
_cell.length_b_esd                 ? 
_cell.length_c                     82.845 
_cell.length_c_esd                 ? 
_cell.volume                       ? 
_cell.volume_esd                   ? 
_cell.Z_PDB                        12 
_cell.reciprocal_angle_alpha       ? 
_cell.reciprocal_angle_beta        ? 
_cell.reciprocal_angle_gamma       ? 
_cell.reciprocal_angle_alpha_esd   ? 
_cell.reciprocal_angle_beta_esd    ? 
_cell.reciprocal_angle_gamma_esd   ? 
_cell.reciprocal_length_a          ? 
_cell.reciprocal_length_b          ? 
_cell.reciprocal_length_c          ? 
_cell.reciprocal_length_a_esd      ? 
_cell.reciprocal_length_b_esd      ? 
_cell.reciprocal_length_c_esd      ? 
_cell.pdbx_unique_axis             ? 
_cell.pdbx_esd_method              ? 
# 
_symmetry.entry_id                         8SXL 
_symmetry.cell_setting                     ? 
_symmetry.Int_Tables_number                150 
_symmetry.space_group_name_Hall            ? 
_symmetry.space_group_name_H-M             'P 3 2 1' 
_symmetry.pdbx_full_space_group_name_H-M   ? 
# 
loop_
_entity.id 
_entity.type 
_entity.src_method 
_entity.pdbx_description 
_entity.formula_weight 
_entity.pdbx_number_of_molecules 
_entity.pdbx_ec 
_entity.pdbx_mutation 
_entity.pdbx_fragment 
_entity.details 
1 polymer     syn 
;RNA (5'-R(*(TLN)P*(TLN)P*(LCA)P*(LCG)P*AP*CP*UP*UP*AP*AP*GP*UP*CP*U)-3')
;
4485.732 2  ? ? ? ? 
2 non-polymer syn 'ADENOSINE MONOPHOSPHATE'                                                  347.221  3  ? ? ? ? 
3 water       nat water                                                                      18.015   19 ? ? ? ? 
# 
_entity_poly.entity_id                      1 
_entity_poly.type                           polyribonucleotide 
_entity_poly.nstd_linkage                   no 
_entity_poly.nstd_monomer                   yes 
_entity_poly.pdbx_seq_one_letter_code       '(TLN)(TLN)(LCA)(LCG)ACUUAAGUCU' 
_entity_poly.pdbx_seq_one_letter_code_can   UUAGACUUAAGUCU 
_entity_poly.pdbx_strand_id                 A,B 
_entity_poly.pdbx_target_identifier         ? 
# 
loop_
_entity_poly_seq.entity_id 
_entity_poly_seq.num 
_entity_poly_seq.mon_id 
_entity_poly_seq.hetero 
1 1  TLN n 
1 2  TLN n 
1 3  LCA n 
1 4  LCG n 
1 5  A   n 
1 6  C   n 
1 7  U   n 
1 8  U   n 
1 9  A   n 
1 10 A   n 
1 11 G   n 
1 12 U   n 
1 13 C   n 
1 14 U   n 
# 
_pdbx_entity_src_syn.entity_id              1 
_pdbx_entity_src_syn.pdbx_src_id            1 
_pdbx_entity_src_syn.pdbx_alt_source_flag   sample 
_pdbx_entity_src_syn.pdbx_beg_seq_num       1 
_pdbx_entity_src_syn.pdbx_end_seq_num       14 
_pdbx_entity_src_syn.organism_scientific    'synthetic construct' 
_pdbx_entity_src_syn.organism_common_name   ? 
_pdbx_entity_src_syn.ncbi_taxonomy_id       32630 
_pdbx_entity_src_syn.details                ? 
# 
_struct_ref.id                         1 
_struct_ref.db_name                    PDB 
_struct_ref.db_code                    8SXL 
_struct_ref.pdbx_db_accession          8SXL 
_struct_ref.pdbx_db_isoform            ? 
_struct_ref.entity_id                  1 
_struct_ref.pdbx_seq_one_letter_code   ? 
_struct_ref.pdbx_align_begin           1 
# 
loop_
_struct_ref_seq.align_id 
_struct_ref_seq.ref_id 
_struct_ref_seq.pdbx_PDB_id_code 
_struct_ref_seq.pdbx_strand_id 
_struct_ref_seq.seq_align_beg 
_struct_ref_seq.pdbx_seq_align_beg_ins_code 
_struct_ref_seq.seq_align_end 
_struct_ref_seq.pdbx_seq_align_end_ins_code 
_struct_ref_seq.pdbx_db_accession 
_struct_ref_seq.db_align_beg 
_struct_ref_seq.pdbx_db_align_beg_ins_code 
_struct_ref_seq.db_align_end 
_struct_ref_seq.pdbx_db_align_end_ins_code 
_struct_ref_seq.pdbx_auth_seq_align_beg 
_struct_ref_seq.pdbx_auth_seq_align_end 
1 1 8SXL A 1 ? 14 ? 8SXL 1 ? 14 ? 1 14 
2 1 8SXL B 1 ? 14 ? 8SXL 1 ? 14 ? 1 14 
# 
loop_
_chem_comp.id 
_chem_comp.type 
_chem_comp.mon_nstd_flag 
_chem_comp.name 
_chem_comp.pdbx_synonyms 
_chem_comp.formula 
_chem_comp.formula_weight 
A   'RNA linking' y "ADENOSINE-5'-MONOPHOSPHATE"                                                                            ? 
'C10 H14 N5 O7 P' 347.221 
AMP non-polymer   . 'ADENOSINE MONOPHOSPHATE'                                                                               ? 
'C10 H14 N5 O7 P' 347.221 
C   'RNA linking' y "CYTIDINE-5'-MONOPHOSPHATE"                                                                             ? 
'C9 H14 N3 O8 P'  323.197 
G   'RNA linking' y "GUANOSINE-5'-MONOPHOSPHATE"                                                                            ? 
'C10 H14 N5 O8 P' 363.221 
HOH non-polymer   . WATER                                                                                                   ? 
'H2 O'            18.015  
LCA 'RNA linking' n '[(1R,3R,4R,7S)-7-HYDROXY-3-(ADENIN-9-YL)-2,5-DIOXABICYCLO[2.2.1]HEPT-1-YL]METHYL DIHYDROGEN PHOSPHATE' ? 
'C11 H14 N5 O7 P' 359.232 
LCG 'RNA linking' n '[(1R,3R,4R,7S)-7-HYDROXY-3-(GUANIN-9-YL)-2,5-DIOXABICYCLO[2.2.1]HEPT-1-YL]METHYL DIHYDROGEN PHOSPHATE' ? 
'C11 H14 N5 O8 P' 375.231 
TLN 'RNA linking' n '[(1R,3R,4R,7S)-7-HYDROXY-3-(THYMIN-1-YL)-2,5-DIOXABICYCLO[2.2.1]HEPT-1-YL]METHYL DIHYDROGEN PHOSPHATE' ? 
'C11 H15 N2 O9 P' 350.219 
U   'RNA linking' y "URIDINE-5'-MONOPHOSPHATE"                                                                              ? 
'C9 H13 N2 O9 P'  324.181 
# 
_exptl.absorpt_coefficient_mu     ? 
_exptl.absorpt_correction_T_max   ? 
_exptl.absorpt_correction_T_min   ? 
_exptl.absorpt_correction_type    ? 
_exptl.absorpt_process_details    ? 
_exptl.entry_id                   8SXL 
_exptl.crystals_number            1 
_exptl.details                    ? 
_exptl.method                     'X-RAY DIFFRACTION' 
_exptl.method_details             ? 
# 
_exptl_crystal.colour                       ? 
_exptl_crystal.density_diffrn               ? 
_exptl_crystal.density_Matthews             2.36 
_exptl_crystal.density_method               ? 
_exptl_crystal.density_percent_sol          47.8 
_exptl_crystal.description                  ? 
_exptl_crystal.F_000                        ? 
_exptl_crystal.id                           1 
_exptl_crystal.preparation                  ? 
_exptl_crystal.size_max                     ? 
_exptl_crystal.size_mid                     ? 
_exptl_crystal.size_min                     ? 
_exptl_crystal.size_rad                     ? 
_exptl_crystal.colour_lustre                ? 
_exptl_crystal.colour_modifier              ? 
_exptl_crystal.colour_primary               ? 
_exptl_crystal.density_meas                 ? 
_exptl_crystal.density_meas_esd             ? 
_exptl_crystal.density_meas_gt              ? 
_exptl_crystal.density_meas_lt              ? 
_exptl_crystal.density_meas_temp            ? 
_exptl_crystal.density_meas_temp_esd        ? 
_exptl_crystal.density_meas_temp_gt         ? 
_exptl_crystal.density_meas_temp_lt         ? 
_exptl_crystal.pdbx_crystal_image_url       ? 
_exptl_crystal.pdbx_crystal_image_format    ? 
_exptl_crystal.pdbx_mosaicity               ? 
_exptl_crystal.pdbx_mosaicity_esd           ? 
_exptl_crystal.pdbx_mosaic_method           ? 
_exptl_crystal.pdbx_mosaic_block_size       ? 
_exptl_crystal.pdbx_mosaic_block_size_esd   ? 
# 
_exptl_crystal_grow.apparatus       ? 
_exptl_crystal_grow.atmosphere      ? 
_exptl_crystal_grow.crystal_id      1 
_exptl_crystal_grow.details         ? 
_exptl_crystal_grow.method          'VAPOR DIFFUSION, HANGING DROP' 
_exptl_crystal_grow.method_ref      ? 
_exptl_crystal_grow.pH              7.0 
_exptl_crystal_grow.pressure        ? 
_exptl_crystal_grow.pressure_esd    ? 
_exptl_crystal_grow.seeding         ? 
_exptl_crystal_grow.seeding_ref     ? 
_exptl_crystal_grow.temp_details    ? 
_exptl_crystal_grow.temp_esd        ? 
_exptl_crystal_grow.time            ? 
_exptl_crystal_grow.pdbx_details    
;10% v/v MPD, 0.040 M sodium cacodylate trihydrate, pH 7.0, 0.012 M spermine tetrahydrochloride, 0.020 M magnesium chloride hexahydrate
;
_exptl_crystal_grow.pdbx_pH_range   ? 
_exptl_crystal_grow.temp            291 
# 
_diffrn.ambient_environment              ? 
_diffrn.ambient_temp                     99 
_diffrn.ambient_temp_details             ? 
_diffrn.ambient_temp_esd                 ? 
_diffrn.crystal_id                       1 
_diffrn.crystal_support                  ? 
_diffrn.crystal_treatment                ? 
_diffrn.details                          ? 
_diffrn.id                               1 
_diffrn.ambient_pressure                 ? 
_diffrn.ambient_pressure_esd             ? 
_diffrn.ambient_pressure_gt              ? 
_diffrn.ambient_pressure_lt              ? 
_diffrn.ambient_temp_gt                  ? 
_diffrn.ambient_temp_lt                  ? 
_diffrn.pdbx_serial_crystal_experiment   N 
# 
_diffrn_detector.details                      ? 
_diffrn_detector.detector                     CCD 
_diffrn_detector.diffrn_id                    1 
_diffrn_detector.type                         'MAR CCD 130 mm' 
_diffrn_detector.area_resol_mean              ? 
_diffrn_detector.dtime                        ? 
_diffrn_detector.pdbx_frames_total            ? 
_diffrn_detector.pdbx_collection_time_total   ? 
_diffrn_detector.pdbx_collection_date         2021-03-14 
_diffrn_detector.pdbx_frequency               ? 
_diffrn_detector.id                           ? 
_diffrn_detector.number_of_axes               ? 
# 
_diffrn_radiation.collimation                      ? 
_diffrn_radiation.diffrn_id                        1 
_diffrn_radiation.filter_edge                      ? 
_diffrn_radiation.inhomogeneity                    ? 
_diffrn_radiation.monochromator                    ? 
_diffrn_radiation.polarisn_norm                    ? 
_diffrn_radiation.polarisn_ratio                   ? 
_diffrn_radiation.probe                            ? 
_diffrn_radiation.type                             ? 
_diffrn_radiation.xray_symbol                      ? 
_diffrn_radiation.wavelength_id                    1 
_diffrn_radiation.pdbx_monochromatic_or_laue_m_l   M 
_diffrn_radiation.pdbx_wavelength_list             ? 
_diffrn_radiation.pdbx_wavelength                  ? 
_diffrn_radiation.pdbx_diffrn_protocol             'SINGLE WAVELENGTH' 
_diffrn_radiation.pdbx_analyzer                    ? 
_diffrn_radiation.pdbx_scattering_type             x-ray 
# 
_diffrn_radiation_wavelength.id           1 
_diffrn_radiation_wavelength.wavelength   0.9785 
_diffrn_radiation_wavelength.wt           1.0 
# 
_diffrn_source.current                     ? 
_diffrn_source.details                     ? 
_diffrn_source.diffrn_id                   1 
_diffrn_source.power                       ? 
_diffrn_source.size                        ? 
_diffrn_source.source                      SYNCHROTRON 
_diffrn_source.target                      ? 
_diffrn_source.type                        'APS BEAMLINE 21-ID-F' 
_diffrn_source.voltage                     ? 
_diffrn_source.take-off_angle              ? 
_diffrn_source.pdbx_wavelength_list        0.9785 
_diffrn_source.pdbx_wavelength             ? 
_diffrn_source.pdbx_synchrotron_beamline   21-ID-F 
_diffrn_source.pdbx_synchrotron_site       APS 
# 
_reflns.B_iso_Wilson_estimate                          ? 
_reflns.entry_id                                       8SXL 
_reflns.data_reduction_details                         ? 
_reflns.data_reduction_method                          ? 
_reflns.d_resolution_high                              1.90 
_reflns.d_resolution_low                               50 
_reflns.details                                        ? 
_reflns.limit_h_max                                    ? 
_reflns.limit_h_min                                    ? 
_reflns.limit_k_max                                    ? 
_reflns.limit_k_min                                    ? 
_reflns.limit_l_max                                    ? 
_reflns.limit_l_min                                    ? 
_reflns.number_all                                     ? 
_reflns.number_obs                                     7680 
_reflns.observed_criterion                             ? 
_reflns.observed_criterion_F_max                       ? 
_reflns.observed_criterion_F_min                       ? 
_reflns.observed_criterion_I_max                       ? 
_reflns.observed_criterion_I_min                       ? 
_reflns.observed_criterion_sigma_F                     ? 
_reflns.observed_criterion_sigma_I                     ? 
_reflns.percent_possible_obs                           100 
_reflns.R_free_details                                 ? 
_reflns.Rmerge_F_all                                   ? 
_reflns.Rmerge_F_obs                                   ? 
_reflns.Friedel_coverage                               ? 
_reflns.number_gt                                      ? 
_reflns.threshold_expression                           ? 
_reflns.pdbx_redundancy                                14.1 
_reflns.pdbx_netI_over_av_sigmaI                       ? 
_reflns.pdbx_netI_over_sigmaI                          28.9 
_reflns.pdbx_res_netI_over_av_sigmaI_2                 ? 
_reflns.pdbx_res_netI_over_sigmaI_2                    ? 
_reflns.pdbx_chi_squared                               0.525 
_reflns.pdbx_scaling_rejects                           ? 
_reflns.pdbx_d_res_high_opt                            ? 
_reflns.pdbx_d_res_low_opt                             ? 
_reflns.pdbx_d_res_opt_method                          ? 
_reflns.phase_calculation_details                      ? 
_reflns.pdbx_Rrim_I_all                                ? 
_reflns.pdbx_Rpim_I_all                                ? 
_reflns.pdbx_d_opt                                     ? 
_reflns.pdbx_number_measured_all                       ? 
_reflns.pdbx_diffrn_id                                 1 
_reflns.pdbx_ordinal                                   1 
_reflns.pdbx_CC_half                                   0.981 
_reflns.pdbx_CC_star                                   ? 
_reflns.pdbx_R_split                                   ? 
_reflns.pdbx_Rmerge_I_obs                              0.087 
_reflns.pdbx_Rmerge_I_all                              ? 
_reflns.pdbx_Rsym_value                                ? 
_reflns.pdbx_CC_split_method                           ? 
_reflns.pdbx_aniso_diffraction_limit_axis_1_ortho[1]   ? 
_reflns.pdbx_aniso_diffraction_limit_axis_1_ortho[2]   ? 
_reflns.pdbx_aniso_diffraction_limit_axis_1_ortho[3]   ? 
_reflns.pdbx_aniso_diffraction_limit_axis_2_ortho[1]   ? 
_reflns.pdbx_aniso_diffraction_limit_axis_2_ortho[2]   ? 
_reflns.pdbx_aniso_diffraction_limit_axis_2_ortho[3]   ? 
_reflns.pdbx_aniso_diffraction_limit_axis_3_ortho[1]   ? 
_reflns.pdbx_aniso_diffraction_limit_axis_3_ortho[2]   ? 
_reflns.pdbx_aniso_diffraction_limit_axis_3_ortho[3]   ? 
_reflns.pdbx_aniso_diffraction_limit_1                 ? 
_reflns.pdbx_aniso_diffraction_limit_2                 ? 
_reflns.pdbx_aniso_diffraction_limit_3                 ? 
_reflns.pdbx_aniso_B_tensor_eigenvector_1_ortho[1]     ? 
_reflns.pdbx_aniso_B_tensor_eigenvector_1_ortho[2]     ? 
_reflns.pdbx_aniso_B_tensor_eigenvector_1_ortho[3]     ? 
_reflns.pdbx_aniso_B_tensor_eigenvector_2_ortho[1]     ? 
_reflns.pdbx_aniso_B_tensor_eigenvector_2_ortho[2]     ? 
_reflns.pdbx_aniso_B_tensor_eigenvector_2_ortho[3]     ? 
_reflns.pdbx_aniso_B_tensor_eigenvector_3_ortho[1]     ? 
_reflns.pdbx_aniso_B_tensor_eigenvector_3_ortho[2]     ? 
_reflns.pdbx_aniso_B_tensor_eigenvector_3_ortho[3]     ? 
_reflns.pdbx_aniso_B_tensor_eigenvalue_1               ? 
_reflns.pdbx_aniso_B_tensor_eigenvalue_2               ? 
_reflns.pdbx_aniso_B_tensor_eigenvalue_3               ? 
_reflns.pdbx_orthogonalization_convention              ? 
_reflns.pdbx_percent_possible_ellipsoidal              ? 
_reflns.pdbx_percent_possible_spherical                ? 
_reflns.pdbx_percent_possible_ellipsoidal_anomalous    ? 
_reflns.pdbx_percent_possible_spherical_anomalous      ? 
_reflns.pdbx_redundancy_anomalous                      ? 
_reflns.pdbx_CC_half_anomalous                         ? 
_reflns.pdbx_absDiff_over_sigma_anomalous              ? 
_reflns.pdbx_percent_possible_anomalous                ? 
_reflns.pdbx_observed_signal_threshold                 ? 
_reflns.pdbx_signal_type                               ? 
_reflns.pdbx_signal_details                            ? 
_reflns.pdbx_signal_software_id                        ? 
# 
_reflns_shell.d_res_high                                    1.9 
_reflns_shell.d_res_low                                     1.97 
_reflns_shell.meanI_over_sigI_all                           ? 
_reflns_shell.meanI_over_sigI_obs                           3.5 
_reflns_shell.number_measured_all                           ? 
_reflns_shell.number_measured_obs                           ? 
_reflns_shell.number_possible                               ? 
_reflns_shell.number_unique_all                             ? 
_reflns_shell.number_unique_obs                             737 
_reflns_shell.percent_possible_obs                          ? 
_reflns_shell.Rmerge_F_all                                  ? 
_reflns_shell.Rmerge_F_obs                                  ? 
_reflns_shell.meanI_over_sigI_gt                            ? 
_reflns_shell.meanI_over_uI_all                             ? 
_reflns_shell.meanI_over_uI_gt                              ? 
_reflns_shell.number_measured_gt                            ? 
_reflns_shell.number_unique_gt                              ? 
_reflns_shell.percent_possible_gt                           ? 
_reflns_shell.Rmerge_F_gt                                   ? 
_reflns_shell.Rmerge_I_gt                                   ? 
_reflns_shell.pdbx_redundancy                               9.1 
_reflns_shell.pdbx_chi_squared                              0.848 
_reflns_shell.pdbx_netI_over_sigmaI_all                     ? 
_reflns_shell.pdbx_netI_over_sigmaI_obs                     ? 
_reflns_shell.pdbx_Rrim_I_all                               ? 
_reflns_shell.pdbx_Rpim_I_all                               ? 
_reflns_shell.pdbx_rejects                                  ? 
_reflns_shell.pdbx_ordinal                                  1 
_reflns_shell.pdbx_diffrn_id                                1 
_reflns_shell.pdbx_CC_half                                  0.911 
_reflns_shell.pdbx_CC_star                                  0.976 
_reflns_shell.pdbx_R_split                                  ? 
_reflns_shell.percent_possible_all                          100 
_reflns_shell.Rmerge_I_all                                  ? 
_reflns_shell.Rmerge_I_obs                                  0.501 
_reflns_shell.pdbx_Rsym_value                               ? 
_reflns_shell.pdbx_percent_possible_ellipsoidal             ? 
_reflns_shell.pdbx_percent_possible_spherical               ? 
_reflns_shell.pdbx_percent_possible_ellipsoidal_anomalous   ? 
_reflns_shell.pdbx_percent_possible_spherical_anomalous     ? 
_reflns_shell.pdbx_redundancy_anomalous                     ? 
_reflns_shell.pdbx_CC_half_anomalous                        ? 
_reflns_shell.pdbx_absDiff_over_sigma_anomalous             ? 
_reflns_shell.pdbx_percent_possible_anomalous               ? 
# 
_refine.aniso_B[1][1]                            -0.00 
_refine.aniso_B[1][2]                            -0.00 
_refine.aniso_B[1][3]                            -0.00 
_refine.aniso_B[2][2]                            -0.00 
_refine.aniso_B[2][3]                            0.00 
_refine.aniso_B[3][3]                            0.01 
_refine.B_iso_max                                ? 
_refine.B_iso_mean                               30.881 
_refine.B_iso_min                                ? 
_refine.correlation_coeff_Fo_to_Fc               0.956 
_refine.correlation_coeff_Fo_to_Fc_free          0.941 
_refine.details                                  'HYDROGENS HAVE BEEN ADDED IN THE RIDING POSITIONS' 
_refine.diff_density_max                         ? 
_refine.diff_density_max_esd                     ? 
_refine.diff_density_min                         ? 
_refine.diff_density_min_esd                     ? 
_refine.diff_density_rms                         ? 
_refine.diff_density_rms_esd                     ? 
_refine.entry_id                                 8SXL 
_refine.pdbx_refine_id                           'X-RAY DIFFRACTION' 
_refine.ls_abs_structure_details                 ? 
_refine.ls_abs_structure_Flack                   ? 
_refine.ls_abs_structure_Flack_esd               ? 
_refine.ls_abs_structure_Rogers                  ? 
_refine.ls_abs_structure_Rogers_esd              ? 
_refine.ls_d_res_high                            1.90 
_refine.ls_d_res_low                             37.99 
_refine.ls_extinction_coef                       ? 
_refine.ls_extinction_coef_esd                   ? 
_refine.ls_extinction_expression                 ? 
_refine.ls_extinction_method                     ? 
_refine.ls_goodness_of_fit_all                   ? 
_refine.ls_goodness_of_fit_all_esd               ? 
_refine.ls_goodness_of_fit_obs                   ? 
_refine.ls_goodness_of_fit_obs_esd               ? 
_refine.ls_hydrogen_treatment                    ? 
_refine.ls_matrix_type                           ? 
_refine.ls_number_constraints                    ? 
_refine.ls_number_parameters                     ? 
_refine.ls_number_reflns_all                     ? 
_refine.ls_number_reflns_obs                     7205 
_refine.ls_number_reflns_R_free                  414 
_refine.ls_number_reflns_R_work                  ? 
_refine.ls_number_restraints                     ? 
_refine.ls_percent_reflns_obs                    99.13 
_refine.ls_percent_reflns_R_free                 5.4 
_refine.ls_R_factor_all                          ? 
_refine.ls_R_factor_obs                          0.21921 
_refine.ls_R_factor_R_free                       0.26100 
_refine.ls_R_factor_R_free_error                 ? 
_refine.ls_R_factor_R_free_error_details         ? 
_refine.ls_R_factor_R_work                       0.21699 
_refine.ls_R_Fsqd_factor_obs                     ? 
_refine.ls_R_I_factor_obs                        ? 
_refine.ls_redundancy_reflns_all                 ? 
_refine.ls_redundancy_reflns_obs                 ? 
_refine.ls_restrained_S_all                      ? 
_refine.ls_restrained_S_obs                      ? 
_refine.ls_shift_over_esd_max                    ? 
_refine.ls_shift_over_esd_mean                   ? 
_refine.ls_structure_factor_coef                 ? 
_refine.ls_weighting_details                     ? 
_refine.ls_weighting_scheme                      ? 
_refine.ls_wR_factor_all                         ? 
_refine.ls_wR_factor_obs                         ? 
_refine.ls_wR_factor_R_free                      ? 
_refine.ls_wR_factor_R_work                      ? 
_refine.occupancy_max                            ? 
_refine.occupancy_min                            ? 
_refine.solvent_model_details                    MASK 
_refine.solvent_model_param_bsol                 ? 
_refine.solvent_model_param_ksol                 ? 
_refine.pdbx_R_complete                          ? 
_refine.ls_R_factor_gt                           ? 
_refine.ls_goodness_of_fit_gt                    ? 
_refine.ls_goodness_of_fit_ref                   ? 
_refine.ls_shift_over_su_max                     ? 
_refine.ls_shift_over_su_max_lt                  ? 
_refine.ls_shift_over_su_mean                    ? 
_refine.ls_shift_over_su_mean_lt                 ? 
_refine.pdbx_ls_sigma_I                          ? 
_refine.pdbx_ls_sigma_F                          ? 
_refine.pdbx_ls_sigma_Fsqd                       ? 
_refine.pdbx_data_cutoff_high_absF               ? 
_refine.pdbx_data_cutoff_high_rms_absF           ? 
_refine.pdbx_data_cutoff_low_absF                ? 
_refine.pdbx_isotropic_thermal_model             ? 
_refine.pdbx_ls_cross_valid_method               THROUGHOUT 
_refine.pdbx_method_to_determine_struct          'MOLECULAR REPLACEMENT' 
_refine.pdbx_starting_model                      'PDB entry 8SWG' 
_refine.pdbx_stereochemistry_target_values       'MAXIMUM LIKELIHOOD' 
_refine.pdbx_R_Free_selection_details            RANDOM 
_refine.pdbx_stereochem_target_val_spec_case     ? 
_refine.pdbx_overall_ESU_R                       0.165 
_refine.pdbx_overall_ESU_R_Free                  0.156 
_refine.pdbx_solvent_vdw_probe_radii             1.20 
_refine.pdbx_solvent_ion_probe_radii             0.80 
_refine.pdbx_solvent_shrinkage_radii             0.80 
_refine.pdbx_real_space_R                        ? 
_refine.pdbx_density_correlation                 ? 
_refine.pdbx_pd_number_of_powder_patterns        ? 
_refine.pdbx_pd_number_of_points                 ? 
_refine.pdbx_pd_meas_number_of_points            ? 
_refine.pdbx_pd_proc_ls_prof_R_factor            ? 
_refine.pdbx_pd_proc_ls_prof_wR_factor           ? 
_refine.pdbx_pd_Marquardt_correlation_coeff      ? 
_refine.pdbx_pd_Fsqrd_R_factor                   ? 
_refine.pdbx_pd_ls_matrix_band_width             ? 
_refine.pdbx_overall_phase_error                 ? 
_refine.pdbx_overall_SU_R_free_Cruickshank_DPI   ? 
_refine.pdbx_overall_SU_R_free_Blow_DPI          ? 
_refine.pdbx_overall_SU_R_Blow_DPI               ? 
_refine.pdbx_TLS_residual_ADP_flag               ? 
_refine.pdbx_diffrn_id                           1 
_refine.overall_SU_B                             3.556 
_refine.overall_SU_ML                            0.100 
_refine.overall_SU_R_Cruickshank_DPI             ? 
_refine.overall_SU_R_free                        ? 
_refine.overall_FOM_free_R_set                   ? 
_refine.overall_FOM_work_R_set                   ? 
_refine.pdbx_average_fsc_overall                 ? 
_refine.pdbx_average_fsc_work                    ? 
_refine.pdbx_average_fsc_free                    ? 
# 
_refine_hist.pdbx_refine_id                   'X-RAY DIFFRACTION' 
_refine_hist.cycle_id                         1 
_refine_hist.details                          ? 
_refine_hist.d_res_high                       1.90 
_refine_hist.d_res_low                        37.99 
_refine_hist.number_atoms_solvent             19 
_refine_hist.number_atoms_total               682 
_refine_hist.number_reflns_all                ? 
_refine_hist.number_reflns_obs                ? 
_refine_hist.number_reflns_R_free             ? 
_refine_hist.number_reflns_R_work             ? 
_refine_hist.R_factor_all                     ? 
_refine_hist.R_factor_obs                     ? 
_refine_hist.R_factor_R_free                  ? 
_refine_hist.R_factor_R_work                  ? 
_refine_hist.pdbx_number_residues_total       ? 
_refine_hist.pdbx_B_iso_mean_ligand           ? 
_refine_hist.pdbx_B_iso_mean_solvent          ? 
_refine_hist.pdbx_number_atoms_protein        0 
_refine_hist.pdbx_number_atoms_nucleic_acid   594 
_refine_hist.pdbx_number_atoms_ligand         69 
_refine_hist.pdbx_number_atoms_lipid          ? 
_refine_hist.pdbx_number_atoms_carb           ? 
_refine_hist.pdbx_pseudo_atom_details         ? 
# 
loop_
_refine_ls_restr.pdbx_refine_id 
_refine_ls_restr.criterion 
_refine_ls_restr.dev_ideal 
_refine_ls_restr.dev_ideal_target 
_refine_ls_restr.number 
_refine_ls_restr.rejects 
_refine_ls_restr.type 
_refine_ls_restr.weight 
_refine_ls_restr.pdbx_restraint_function 
'X-RAY DIFFRACTION' ? 0.023 0.020  743  ? r_bond_refined_d             ? ? 
'X-RAY DIFFRACTION' ? 0.024 0.025  336  ? r_bond_other_d               ? ? 
'X-RAY DIFFRACTION' ? 3.021 2.297  1162 ? r_angle_refined_deg          ? ? 
'X-RAY DIFFRACTION' ? 3.607 3.284  794  ? r_angle_other_deg            ? ? 
'X-RAY DIFFRACTION' ? ?     ?      ?    ? r_dihedral_angle_1_deg       ? ? 
'X-RAY DIFFRACTION' ? ?     ?      ?    ? r_dihedral_angle_2_deg       ? ? 
'X-RAY DIFFRACTION' ? ?     ?      ?    ? r_dihedral_angle_3_deg       ? ? 
'X-RAY DIFFRACTION' ? ?     ?      ?    ? r_dihedral_angle_4_deg       ? ? 
'X-RAY DIFFRACTION' ? 0.198 0.200  131  ? r_chiral_restr               ? ? 
'X-RAY DIFFRACTION' ? 0.017 0.021  355  ? r_gen_planes_refined         ? ? 
'X-RAY DIFFRACTION' ? 0.001 0.022  116  ? r_gen_planes_other           ? ? 
'X-RAY DIFFRACTION' ? ?     ?      ?    ? r_nbd_refined                ? ? 
'X-RAY DIFFRACTION' ? ?     ?      ?    ? r_nbd_other                  ? ? 
'X-RAY DIFFRACTION' ? ?     ?      ?    ? r_nbtor_refined              ? ? 
'X-RAY DIFFRACTION' ? ?     ?      ?    ? r_nbtor_other                ? ? 
'X-RAY DIFFRACTION' ? ?     ?      ?    ? r_xyhbond_nbd_refined        ? ? 
'X-RAY DIFFRACTION' ? ?     ?      ?    ? r_xyhbond_nbd_other          ? ? 
'X-RAY DIFFRACTION' ? ?     ?      ?    ? r_metal_ion_refined          ? ? 
'X-RAY DIFFRACTION' ? ?     ?      ?    ? r_metal_ion_other            ? ? 
'X-RAY DIFFRACTION' ? ?     ?      ?    ? r_symmetry_vdw_refined       ? ? 
'X-RAY DIFFRACTION' ? ?     ?      ?    ? r_symmetry_vdw_other         ? ? 
'X-RAY DIFFRACTION' ? ?     ?      ?    ? r_symmetry_hbond_refined     ? ? 
'X-RAY DIFFRACTION' ? ?     ?      ?    ? r_symmetry_hbond_other       ? ? 
'X-RAY DIFFRACTION' ? ?     ?      ?    ? r_symmetry_metal_ion_refined ? ? 
'X-RAY DIFFRACTION' ? ?     ?      ?    ? r_symmetry_metal_ion_other   ? ? 
'X-RAY DIFFRACTION' ? ?     ?      ?    ? r_mcbond_it                  ? ? 
'X-RAY DIFFRACTION' ? ?     ?      ?    ? r_mcbond_other               ? ? 
'X-RAY DIFFRACTION' ? ?     ?      ?    ? r_mcangle_it                 ? ? 
'X-RAY DIFFRACTION' ? ?     ?      ?    ? r_mcangle_other              ? ? 
'X-RAY DIFFRACTION' ? 2.778 3.198  738  ? r_scbond_it                  ? ? 
'X-RAY DIFFRACTION' ? 2.777 3.199  739  ? r_scbond_other               ? ? 
'X-RAY DIFFRACTION' ? ?     ?      ?    ? r_scangle_it                 ? ? 
'X-RAY DIFFRACTION' ? 3.818 4.802  1163 ? r_scangle_other              ? ? 
'X-RAY DIFFRACTION' ? 4.765 30.128 965  ? r_long_range_B_refined       ? ? 
'X-RAY DIFFRACTION' ? 4.763 30.092 964  ? r_long_range_B_other         ? ? 
'X-RAY DIFFRACTION' ? ?     ?      ?    ? r_rigid_bond_restr           ? ? 
'X-RAY DIFFRACTION' ? ?     ?      ?    ? r_sphericity_free            ? ? 
'X-RAY DIFFRACTION' ? ?     ?      ?    ? r_sphericity_bonded          ? ? 
# 
_refine_ls_shell.pdbx_refine_id                   'X-RAY DIFFRACTION' 
_refine_ls_shell.d_res_high                       1.902 
_refine_ls_shell.d_res_low                        1.951 
_refine_ls_shell.number_reflns_all                ? 
_refine_ls_shell.number_reflns_obs                ? 
_refine_ls_shell.number_reflns_R_free             29 
_refine_ls_shell.number_reflns_R_work             494 
_refine_ls_shell.percent_reflns_obs               99.05 
_refine_ls_shell.percent_reflns_R_free            ? 
_refine_ls_shell.R_factor_all                     ? 
_refine_ls_shell.R_factor_obs                     ? 
_refine_ls_shell.R_factor_R_free_error            ? 
_refine_ls_shell.R_factor_R_work                  0.261 
_refine_ls_shell.redundancy_reflns_all            ? 
_refine_ls_shell.redundancy_reflns_obs            ? 
_refine_ls_shell.wR_factor_all                    ? 
_refine_ls_shell.wR_factor_obs                    ? 
_refine_ls_shell.wR_factor_R_free                 ? 
_refine_ls_shell.wR_factor_R_work                 ? 
_refine_ls_shell.pdbx_R_complete                  ? 
_refine_ls_shell.pdbx_total_number_of_bins_used   20 
_refine_ls_shell.pdbx_phase_error                 ? 
_refine_ls_shell.pdbx_fsc_work                    ? 
_refine_ls_shell.pdbx_fsc_free                    ? 
_refine_ls_shell.R_factor_R_free                  0.258 
# 
_struct.entry_id                     8SXL 
_struct.title                        'RNA UU template binding to AMP monomer' 
_struct.pdbx_model_details           ? 
_struct.pdbx_formula_weight          ? 
_struct.pdbx_formula_weight_method   ? 
_struct.pdbx_model_type_details      ? 
_struct.pdbx_CASP_flag               N 
# 
_struct_keywords.entry_id        8SXL 
_struct_keywords.text            'RNA, AMP' 
_struct_keywords.pdbx_keywords   RNA 
# 
loop_
_struct_asym.id 
_struct_asym.pdbx_blank_PDB_chainid_flag 
_struct_asym.pdbx_modified 
_struct_asym.entity_id 
_struct_asym.details 
A N N 1 ? 
B N N 1 ? 
C N N 2 ? 
D N N 2 ? 
E N N 2 ? 
F N N 3 ? 
G N N 3 ? 
# 
loop_
_struct_conn.id 
_struct_conn.conn_type_id 
_struct_conn.pdbx_leaving_atom_flag 
_struct_conn.pdbx_PDB_id 
_struct_conn.ptnr1_label_asym_id 
_struct_conn.ptnr1_label_comp_id 
_struct_conn.ptnr1_label_seq_id 
_struct_conn.ptnr1_label_atom_id 
_struct_conn.pdbx_ptnr1_label_alt_id 
_struct_conn.pdbx_ptnr1_PDB_ins_code 
_struct_conn.pdbx_ptnr1_standard_comp_id 
_struct_conn.ptnr1_symmetry 
_struct_conn.ptnr2_label_asym_id 
_struct_conn.ptnr2_label_comp_id 
_struct_conn.ptnr2_label_seq_id 
_struct_conn.ptnr2_label_atom_id 
_struct_conn.pdbx_ptnr2_label_alt_id 
_struct_conn.pdbx_ptnr2_PDB_ins_code 
_struct_conn.ptnr1_auth_asym_id 
_struct_conn.ptnr1_auth_comp_id 
_struct_conn.ptnr1_auth_seq_id 
_struct_conn.ptnr2_auth_asym_id 
_struct_conn.ptnr2_auth_comp_id 
_struct_conn.ptnr2_auth_seq_id 
_struct_conn.ptnr2_symmetry 
_struct_conn.pdbx_ptnr3_label_atom_id 
_struct_conn.pdbx_ptnr3_label_seq_id 
_struct_conn.pdbx_ptnr3_label_comp_id 
_struct_conn.pdbx_ptnr3_label_asym_id 
_struct_conn.pdbx_ptnr3_label_alt_id 
_struct_conn.pdbx_ptnr3_PDB_ins_code 
_struct_conn.details 
_struct_conn.pdbx_dist_value 
_struct_conn.pdbx_value_order 
_struct_conn.pdbx_role 
covale1  covale both ? A TLN 1  "O3'" ? ? ? 1_555 A TLN 2  P  ? ? A TLN 1  A TLN 2  1_555 ? ? ? ? ? ? ?            1.600 ? ? 
covale2  covale both ? A TLN 2  "O3'" ? ? ? 1_555 A LCA 3  P  ? ? A TLN 2  A LCA 3  1_555 ? ? ? ? ? ? ?            1.628 ? ? 
covale3  covale one  ? A LCA 3  "O3'" ? ? ? 1_555 A LCG 4  P  ? ? A LCA 3  A LCG 4  1_555 ? ? ? ? ? ? ?            1.617 ? ? 
covale4  covale both ? A LCG 4  "O3'" ? ? ? 1_555 A A   5  P  ? ? A LCG 4  A A   5  1_555 ? ? ? ? ? ? ?            1.618 ? ? 
covale5  covale both ? B TLN 1  "O3'" ? ? ? 1_555 B TLN 2  P  ? ? B TLN 1  B TLN 2  1_555 ? ? ? ? ? ? ?            1.594 ? ? 
covale6  covale both ? B TLN 2  "O3'" ? ? ? 1_555 B LCA 3  P  ? ? B TLN 2  B LCA 3  1_555 ? ? ? ? ? ? ?            1.588 ? ? 
covale7  covale one  ? B LCA 3  "O3'" ? ? ? 1_555 B LCG 4  P  ? ? B LCA 3  B LCG 4  1_555 ? ? ? ? ? ? ?            1.574 ? ? 
covale8  covale both ? B LCG 4  "O3'" ? ? ? 1_555 B A   5  P  ? ? B LCG 4  B A   5  1_555 ? ? ? ? ? ? ?            1.629 ? ? 
hydrog1  hydrog ?    ? A LCA 3  N1    ? ? ? 1_555 B U   14 N3 ? ? A LCA 3  B U   14 1_555 ? ? ? ? ? ? WATSON-CRICK ?     ? ? 
hydrog2  hydrog ?    ? A LCA 3  N6    ? ? ? 1_555 B U   14 O4 ? ? A LCA 3  B U   14 1_555 ? ? ? ? ? ? WATSON-CRICK ?     ? ? 
hydrog3  hydrog ?    ? A LCG 4  N1    ? ? ? 1_555 B C   13 N3 ? ? A LCG 4  B C   13 1_555 ? ? ? ? ? ? WATSON-CRICK ?     ? ? 
hydrog4  hydrog ?    ? A LCG 4  N2    ? ? ? 1_555 B C   13 O2 ? ? A LCG 4  B C   13 1_555 ? ? ? ? ? ? WATSON-CRICK ?     ? ? 
hydrog5  hydrog ?    ? A LCG 4  O6    ? ? ? 1_555 B C   13 N4 ? ? A LCG 4  B C   13 1_555 ? ? ? ? ? ? WATSON-CRICK ?     ? ? 
hydrog6  hydrog ?    ? A A   5  N1    ? ? ? 1_555 B U   12 N3 ? ? A A   5  B U   12 1_555 ? ? ? ? ? ? WATSON-CRICK ?     ? ? 
hydrog7  hydrog ?    ? A A   5  N6    ? ? ? 1_555 B U   12 O4 ? ? A A   5  B U   12 1_555 ? ? ? ? ? ? WATSON-CRICK ?     ? ? 
hydrog8  hydrog ?    ? A C   6  N3    ? ? ? 1_555 B G   11 N1 ? ? A C   6  B G   11 1_555 ? ? ? ? ? ? WATSON-CRICK ?     ? ? 
hydrog9  hydrog ?    ? A C   6  N4    ? ? ? 1_555 B G   11 O6 ? ? A C   6  B G   11 1_555 ? ? ? ? ? ? WATSON-CRICK ?     ? ? 
hydrog10 hydrog ?    ? A C   6  O2    ? ? ? 1_555 B G   11 N2 ? ? A C   6  B G   11 1_555 ? ? ? ? ? ? WATSON-CRICK ?     ? ? 
hydrog11 hydrog ?    ? A U   7  N3    ? ? ? 1_555 B A   10 N1 ? ? A U   7  B A   10 1_555 ? ? ? ? ? ? WATSON-CRICK ?     ? ? 
hydrog12 hydrog ?    ? A U   7  O4    ? ? ? 1_555 B A   10 N6 ? ? A U   7  B A   10 1_555 ? ? ? ? ? ? WATSON-CRICK ?     ? ? 
hydrog13 hydrog ?    ? A U   8  N3    ? ? ? 1_555 B A   9  N1 ? ? A U   8  B A   9  1_555 ? ? ? ? ? ? WATSON-CRICK ?     ? ? 
hydrog14 hydrog ?    ? A U   8  O4    ? ? ? 1_555 B A   9  N6 ? ? A U   8  B A   9  1_555 ? ? ? ? ? ? WATSON-CRICK ?     ? ? 
hydrog15 hydrog ?    ? A A   9  N1    ? ? ? 1_555 B U   8  N3 ? ? A A   9  B U   8  1_555 ? ? ? ? ? ? WATSON-CRICK ?     ? ? 
hydrog16 hydrog ?    ? A A   9  N6    ? ? ? 1_555 B U   8  O4 ? ? A A   9  B U   8  1_555 ? ? ? ? ? ? WATSON-CRICK ?     ? ? 
hydrog17 hydrog ?    ? A A   10 N1    ? ? ? 1_555 B U   7  N3 ? ? A A   10 B U   7  1_555 ? ? ? ? ? ? WATSON-CRICK ?     ? ? 
hydrog18 hydrog ?    ? A A   10 N6    ? ? ? 1_555 B U   7  O4 ? ? A A   10 B U   7  1_555 ? ? ? ? ? ? WATSON-CRICK ?     ? ? 
hydrog19 hydrog ?    ? A G   11 N1    ? ? ? 1_555 B C   6  N3 ? ? A G   11 B C   6  1_555 ? ? ? ? ? ? WATSON-CRICK ?     ? ? 
hydrog20 hydrog ?    ? A G   11 N2    ? ? ? 1_555 B C   6  O2 ? ? A G   11 B C   6  1_555 ? ? ? ? ? ? WATSON-CRICK ?     ? ? 
hydrog21 hydrog ?    ? A G   11 O6    ? ? ? 1_555 B C   6  N4 ? ? A G   11 B C   6  1_555 ? ? ? ? ? ? WATSON-CRICK ?     ? ? 
hydrog22 hydrog ?    ? A U   12 N3    ? ? ? 1_555 B A   5  N1 ? ? A U   12 B A   5  1_555 ? ? ? ? ? ? WATSON-CRICK ?     ? ? 
hydrog23 hydrog ?    ? A U   12 O4    ? ? ? 1_555 B A   5  N6 ? ? A U   12 B A   5  1_555 ? ? ? ? ? ? WATSON-CRICK ?     ? ? 
hydrog24 hydrog ?    ? A C   13 N3    ? ? ? 1_555 B LCG 4  N1 ? ? A C   13 B LCG 4  1_555 ? ? ? ? ? ? WATSON-CRICK ?     ? ? 
hydrog25 hydrog ?    ? A C   13 N4    ? ? ? 1_555 B LCG 4  O6 ? ? A C   13 B LCG 4  1_555 ? ? ? ? ? ? WATSON-CRICK ?     ? ? 
hydrog26 hydrog ?    ? A C   13 O2    ? ? ? 1_555 B LCG 4  N2 ? ? A C   13 B LCG 4  1_555 ? ? ? ? ? ? WATSON-CRICK ?     ? ? 
hydrog27 hydrog ?    ? A U   14 N3    ? ? ? 1_555 B LCA 3  N1 ? ? A U   14 B LCA 3  1_555 ? ? ? ? ? ? WATSON-CRICK ?     ? ? 
hydrog28 hydrog ?    ? A U   14 O4    ? ? ? 1_555 B LCA 3  N6 ? ? A U   14 B LCA 3  1_555 ? ? ? ? ? ? WATSON-CRICK ?     ? ? 
# 
loop_
_struct_conn_type.id 
_struct_conn_type.criteria 
_struct_conn_type.reference 
covale ? ? 
hydrog ? ? 
# 
_atom_sites.entry_id                    8SXL 
_atom_sites.Cartn_transf_matrix[1][1]   ? 
_atom_sites.Cartn_transf_matrix[1][2]   ? 
_atom_sites.Cartn_transf_matrix[1][3]   ? 
_atom_sites.Cartn_transf_matrix[2][1]   ? 
_atom_sites.Cartn_transf_matrix[2][2]   ? 
_atom_sites.Cartn_transf_matrix[2][3]   ? 
_atom_sites.Cartn_transf_matrix[3][1]   ? 
_atom_sites.Cartn_transf_matrix[3][2]   ? 
_atom_sites.Cartn_transf_matrix[3][3]   ? 
_atom_sites.Cartn_transf_vector[1]      ? 
_atom_sites.Cartn_transf_vector[2]      ? 
_atom_sites.Cartn_transf_vector[3]      ? 
_atom_sites.fract_transf_matrix[1][1]   0.01310607 
_atom_sites.fract_transf_matrix[1][2]   0.01850899 
_atom_sites.fract_transf_matrix[1][3]   0.01339548 
_atom_sites.fract_transf_matrix[2][1]   0.01470082 
_atom_sites.fract_transf_matrix[2][2]   -0.00671913 
_atom_sites.fract_transf_matrix[2][3]   0.02079747 
_atom_sites.fract_transf_matrix[3][1]   0.00954174 
_atom_sites.fract_transf_matrix[3][2]   -0.00151979 
_atom_sites.fract_transf_matrix[3][3]   -0.00723564 
_atom_sites.fract_transf_vector[1]      0.147776 
_atom_sites.fract_transf_vector[2]      -0.216576 
_atom_sites.fract_transf_vector[3]      0.248385 
_atom_sites.solution_primary            ? 
_atom_sites.solution_secondary          ? 
_atom_sites.solution_hydrogens          ? 
_atom_sites.special_details             ? 
# 
loop_
_atom_type.symbol 
C 
N 
O 
P 
# 
loop_
_atom_site.group_PDB 
_atom_site.id 
_atom_site.type_symbol 
_atom_site.label_atom_id 
_atom_site.label_alt_id 
_atom_site.label_comp_id 
_atom_site.label_asym_id 
_atom_site.label_entity_id 
_atom_site.label_seq_id 
_atom_site.pdbx_PDB_ins_code 
_atom_site.Cartn_x 
_atom_site.Cartn_y 
_atom_site.Cartn_z 
_atom_site.occupancy 
_atom_site.B_iso_or_equiv 
_atom_site.pdbx_formal_charge 
_atom_site.auth_seq_id 
_atom_site.auth_comp_id 
_atom_site.auth_asym_id 
_atom_site.auth_atom_id 
_atom_site.pdbx_PDB_model_num 
HETATM 1   O "O5'" . TLN A 1 1  ? -23.235 -2.669  2.021   1.00 47.45  ? 1   TLN A "O5'" 1 
HETATM 2   C "C5'" . TLN A 1 1  ? -23.558 -2.154  0.673   1.00 45.37  ? 1   TLN A "C5'" 1 
HETATM 3   C "C4'" . TLN A 1 1  ? -23.598 -0.609  0.761   1.00 48.72  ? 1   TLN A "C4'" 1 
HETATM 4   O "O4'" . TLN A 1 1  ? -24.229 -0.313  1.999   1.00 46.93  ? 1   TLN A "O4'" 1 
HETATM 5   C "C1'" . TLN A 1 1  ? -23.917 1.087   2.401   1.00 47.67  ? 1   TLN A "C1'" 1 
HETATM 6   N N1    . TLN A 1 1  ? -23.169 0.882   3.619   1.00 45.13  ? 1   TLN A N1    1 
HETATM 7   C C6    . TLN A 1 1  ? -22.858 -0.404  3.791   1.00 47.76  ? 1   TLN A C6    1 
HETATM 8   C C5    . TLN A 1 1  ? -22.161 -0.892  4.836   1.00 50.95  ? 1   TLN A C5    1 
HETATM 9   C C5M   . TLN A 1 1  ? -21.911 -2.286  4.822   1.00 51.19  ? 1   TLN A C5M   1 
HETATM 10  C C4    . TLN A 1 1  ? -21.778 -0.050  5.766   1.00 47.05  ? 1   TLN A C4    1 
HETATM 11  O O4    . TLN A 1 1  ? -21.139 -0.428  6.761   1.00 49.28  ? 1   TLN A O4    1 
HETATM 12  N N3    . TLN A 1 1  ? -22.067 1.336   5.648   1.00 53.73  ? 1   TLN A N3    1 
HETATM 13  C C2    . TLN A 1 1  ? -22.791 1.874   4.557   1.00 50.32  ? 1   TLN A C2    1 
HETATM 14  O O2    . TLN A 1 1  ? -23.045 2.990   4.443   1.00 62.64  ? 1   TLN A O2    1 
HETATM 15  C "C3'" . TLN A 1 1  ? -22.296 0.238   0.856   1.00 48.41  ? 1   TLN A "C3'" 1 
HETATM 16  C "C2'" . TLN A 1 1  ? -23.105 1.502   1.186   1.00 50.44  ? 1   TLN A "C2'" 1 
HETATM 17  O "O2'" . TLN A 1 1  ? -24.135 1.595   0.164   1.00 43.92  ? 1   TLN A "O2'" 1 
HETATM 18  O "O3'" . TLN A 1 1  ? -21.709 0.270   -0.425  1.00 49.67  ? 1   TLN A "O3'" 1 
HETATM 19  C "C6'" . TLN A 1 1  ? -24.319 0.103   -0.371  1.00 47.02  ? 1   TLN A "C6'" 1 
HETATM 20  P P     . TLN A 1 2  ? -20.152 0.461   -0.737  1.00 41.63  ? 2   TLN A P     1 
HETATM 21  O OP1   . TLN A 1 2  ? -19.989 0.246   -2.173  1.00 39.08  ? 2   TLN A OP1   1 
HETATM 22  O OP2   . TLN A 1 2  ? -19.371 -0.222  0.279   1.00 41.17  ? 2   TLN A OP2   1 
HETATM 23  O "O5'" . TLN A 1 2  ? -19.923 2.094   -0.469  1.00 40.04  ? 2   TLN A "O5'" 1 
HETATM 24  C "C5'" . TLN A 1 2  ? -20.105 3.164   -1.396  1.00 34.33  ? 2   TLN A "C5'" 1 
HETATM 25  C "C4'" . TLN A 1 2  ? -19.812 4.368   -0.441  1.00 34.23  ? 2   TLN A "C4'" 1 
HETATM 26  O "O4'" . TLN A 1 2  ? -20.375 4.316   0.921   1.00 32.91  ? 2   TLN A "O4'" 1 
HETATM 27  C "C1'" . TLN A 1 2  ? -19.545 5.244   1.700   1.00 33.71  ? 2   TLN A "C1'" 1 
HETATM 28  N N1    . TLN A 1 2  ? -18.968 4.505   2.789   1.00 34.76  ? 2   TLN A N1    1 
HETATM 29  C C6    . TLN A 1 2  ? -19.014 3.110   2.706   1.00 39.15  ? 2   TLN A C6    1 
HETATM 30  C C5    . TLN A 1 2  ? -18.487 2.334   3.726   1.00 43.69  ? 2   TLN A C5    1 
HETATM 31  C C5M   . TLN A 1 2  ? -18.565 0.918   3.660   1.00 44.48  ? 2   TLN A C5M   1 
HETATM 32  C C4    . TLN A 1 2  ? -17.872 2.963   4.784   1.00 40.07  ? 2   TLN A C4    1 
HETATM 33  O O4    . TLN A 1 2  ? -17.408 2.264   5.680   1.00 42.11  ? 2   TLN A O4    1 
HETATM 34  N N3    . TLN A 1 2  ? -17.780 4.370   4.814   1.00 39.86  ? 2   TLN A N3    1 
HETATM 35  C C2    . TLN A 1 2  ? -18.321 5.143   3.800   1.00 36.18  ? 2   TLN A C2    1 
HETATM 36  O O2    . TLN A 1 2  ? -18.259 6.377   3.865   1.00 34.36  ? 2   TLN A O2    1 
HETATM 37  C "C3'" . TLN A 1 2  ? -18.303 4.483   -0.134  1.00 35.15  ? 2   TLN A "C3'" 1 
HETATM 38  C "C2'" . TLN A 1 2  ? -18.502 5.717   0.697   1.00 33.48  ? 2   TLN A "C2'" 1 
HETATM 39  O "O2'" . TLN A 1 2  ? -19.195 6.606   -0.254  1.00 33.95  ? 2   TLN A "O2'" 1 
HETATM 40  O "O3'" . TLN A 1 2  ? -17.435 4.648   -1.345  1.00 34.56  ? 2   TLN A "O3'" 1 
HETATM 41  C "C6'" . TLN A 1 2  ? -20.187 5.750   -0.992  1.00 34.95  ? 2   TLN A "C6'" 1 
HETATM 42  P P     . LCA A 1 3  ? -15.848 4.291   -1.276  1.00 36.25  ? 3   LCA A P     1 
HETATM 43  O O1P   . LCA A 1 3  ? -15.574 4.596   -2.688  1.00 37.09  ? 3   LCA A O1P   1 
HETATM 44  O "O5'" . LCA A 1 3  ? -15.256 5.485   -0.414  1.00 31.16  ? 3   LCA A "O5'" 1 
HETATM 45  C "C5'" . LCA A 1 3  ? -15.331 6.817   -0.993  1.00 28.94  ? 3   LCA A "C5'" 1 
HETATM 46  C "C3'" . LCA A 1 3  ? -13.489 7.468   0.579   1.00 27.15  ? 3   LCA A "C3'" 1 
HETATM 47  C "C6'" . LCA A 1 3  ? -14.886 9.277   -0.253  1.00 27.16  ? 3   LCA A "C6'" 1 
HETATM 48  N N9    . LCA A 1 3  ? -14.446 6.812   3.182   1.00 27.62  ? 3   LCA A N9    1 
HETATM 49  C C8    . LCA A 1 3  ? -14.772 5.491   2.967   1.00 29.44  ? 3   LCA A C8    1 
HETATM 50  C C4    . LCA A 1 3  ? -13.813 6.896   4.366   1.00 28.32  ? 3   LCA A C4    1 
HETATM 51  N N7    . LCA A 1 3  ? -14.334 4.759   4.068   1.00 26.84  ? 3   LCA A N7    1 
HETATM 52  C C5    . LCA A 1 3  ? -13.728 5.646   4.924   1.00 29.50  ? 3   LCA A C5    1 
HETATM 53  C C6    . LCA A 1 3  ? -13.150 5.500   6.141   1.00 29.03  ? 3   LCA A C6    1 
HETATM 54  C "C2'" . LCA A 1 3  ? -13.551 8.564   1.587   1.00 27.28  ? 3   LCA A "C2'" 1 
HETATM 55  N N6    . LCA A 1 3  ? -13.028 4.291   6.734   1.00 28.32  ? 3   LCA A N6    1 
HETATM 56  C "C4'" . LCA A 1 3  ? -14.935 7.753   0.120   1.00 28.52  ? 3   LCA A "C4'" 1 
HETATM 57  C "C1'" . LCA A 1 3  ? -14.730 8.039   2.376   1.00 28.04  ? 3   LCA A "C1'" 1 
HETATM 58  C C2    . LCA A 1 3  ? -12.728 7.804   6.194   1.00 26.20  ? 3   LCA A C2    1 
HETATM 59  N N1    . LCA A 1 3  ? -12.624 6.529   6.757   1.00 26.21  ? 3   LCA A N1    1 
HETATM 60  O "O4'" . LCA A 1 3  ? -15.702 7.611   1.391   1.00 26.77  ? 3   LCA A "O4'" 1 
HETATM 61  N N3    . LCA A 1 3  ? -13.339 8.005   4.999   1.00 28.38  ? 3   LCA A N3    1 
HETATM 62  O "O3'" . LCA A 1 3  ? -12.612 7.702   -0.484  1.00 28.59  ? 3   LCA A "O3'" 1 
HETATM 63  O OXT   . LCA A 1 3  ? -15.455 3.014   -0.671  1.00 35.54  ? 3   LCA A OXT   1 
HETATM 64  O "O2'" . LCA A 1 3  ? -13.929 9.759   0.824   1.00 28.04  ? 3   LCA A "O2'" 1 
HETATM 65  P P     . LCG A 1 4  ? -11.187 6.956   -0.653  1.00 30.37  ? 4   LCG A P     1 
HETATM 66  O OP1   . LCG A 1 4  ? -10.620 7.440   -1.961  1.00 31.90  ? 4   LCG A OP1   1 
HETATM 67  O "O5'" . LCG A 1 4  ? -10.280 7.560   0.576   1.00 26.99  ? 4   LCG A "O5'" 1 
HETATM 68  C "C5'" . LCG A 1 4  ? -9.954  8.932   0.645   1.00 26.49  ? 4   LCG A "C5'" 1 
HETATM 69  C "C3'" . LCG A 1 4  ? -8.165  8.310   2.319   1.00 25.78  ? 4   LCG A "C3'" 1 
HETATM 70  C "C6'" . LCG A 1 4  ? -8.882  10.579  2.326   1.00 27.25  ? 4   LCG A "C6'" 1 
HETATM 71  N N9    . LCG A 1 4  ? -9.721  7.218   4.616   1.00 25.73  ? 4   LCG A N9    1 
HETATM 72  C C8    . LCG A 1 4  ? -10.264 6.270   3.869   1.00 27.31  ? 4   LCG A C8    1 
HETATM 73  C C4    . LCG A 1 4  ? -9.319  6.717   5.756   1.00 24.72  ? 4   LCG A C4    1 
HETATM 74  N N7    . LCG A 1 4  ? -10.238 5.140   4.570   1.00 28.69  ? 4   LCG A N7    1 
HETATM 75  C C5    . LCG A 1 4  ? -9.651  5.428   5.755   1.00 27.55  ? 4   LCG A C5    1 
HETATM 76  C C6    . LCG A 1 4  ? -9.380  4.650   6.820   1.00 26.92  ? 4   LCG A C6    1 
HETATM 77  C "C2'" . LCG A 1 4  ? -8.134  8.849   3.718   1.00 25.18  ? 4   LCG A "C2'" 1 
HETATM 78  O O6    . LCG A 1 4  ? -9.669  3.448   6.878   1.00 22.83  ? 4   LCG A O6    1 
HETATM 79  C "C4'" . LCG A 1 4  ? -9.352  9.142   2.038   1.00 27.43  ? 4   LCG A "C4'" 1 
HETATM 80  C "C1'" . LCG A 1 4  ? -9.528  8.617   4.193   1.00 25.92  ? 4   LCG A "C1'" 1 
HETATM 81  C C2    . LCG A 1 4  ? -8.392  6.539   7.881   1.00 25.79  ? 4   LCG A C2    1 
HETATM 82  N N1    . LCG A 1 4  ? -8.751  5.215   7.879   1.00 27.57  ? 4   LCG A N1    1 
HETATM 83  O "O4'" . LCG A 1 4  ? -10.283 8.798   3.036   1.00 28.75  ? 4   LCG A "O4'" 1 
HETATM 84  O OP2   . LCG A 1 4  ? -11.322 5.546   -0.287  1.00 30.06  ? 4   LCG A OP2   1 
HETATM 85  N N2    . LCG A 1 4  ? -7.811  7.011   8.958   1.00 25.91  ? 4   LCG A N2    1 
HETATM 86  N N3    . LCG A 1 4  ? -8.697  7.291   6.812   1.00 25.40  ? 4   LCG A N3    1 
HETATM 87  O "O2'" . LCG A 1 4  ? -7.974  10.203  3.553   1.00 27.15  ? 4   LCG A "O2'" 1 
HETATM 88  O "O3'" . LCG A 1 4  ? -7.022  8.735   1.491   1.00 27.01  ? 4   LCG A "O3'" 1 
ATOM   89  P P     . A   A 1 5  ? -5.796  7.734   1.150   1.00 30.13  ? 5   A   A P     1 
ATOM   90  O OP1   . A   A 1 5  ? -5.035  8.328   0.059   1.00 30.50  ? 5   A   A OP1   1 
ATOM   91  O OP2   . A   A 1 5  ? -6.306  6.365   0.986   1.00 31.97  ? 5   A   A OP2   1 
ATOM   92  O "O5'" . A   A 1 5  ? -4.896  7.794   2.466   1.00 28.99  ? 5   A   A "O5'" 1 
ATOM   93  C "C5'" . A   A 1 5  ? -4.328  9.021   2.905   1.00 29.25  ? 5   A   A "C5'" 1 
ATOM   94  C "C4'" . A   A 1 5  ? -3.822  8.863   4.333   1.00 28.17  ? 5   A   A "C4'" 1 
ATOM   95  O "O4'" . A   A 1 5  ? -4.953  8.510   5.193   1.00 28.99  ? 5   A   A "O4'" 1 
ATOM   96  C "C3'" . A   A 1 5  ? -2.952  7.647   4.418   1.00 25.42  ? 5   A   A "C3'" 1 
ATOM   97  O "O3'" . A   A 1 5  ? -1.594  7.973   3.999   1.00 24.93  ? 5   A   A "O3'" 1 
ATOM   98  C "C2'" . A   A 1 5  ? -3.016  7.422   5.884   1.00 25.45  ? 5   A   A "C2'" 1 
ATOM   99  O "O2'" . A   A 1 5  ? -2.278  8.448   6.560   1.00 25.02  ? 5   A   A "O2'" 1 
ATOM   100 C "C1'" . A   A 1 5  ? -4.486  7.577   6.158   1.00 27.58  ? 5   A   A "C1'" 1 
ATOM   101 N N9    . A   A 1 5  ? -5.185  6.303   6.017   1.00 31.66  ? 5   A   A N9    1 
ATOM   102 C C8    . A   A 1 5  ? -5.919  5.866   4.943   1.00 28.39  ? 5   A   A C8    1 
ATOM   103 N N7    . A   A 1 5  ? -6.424  4.669   5.098   1.00 32.64  ? 5   A   A N7    1 
ATOM   104 C C5    . A   A 1 5  ? -6.001  4.291   6.365   1.00 31.54  ? 5   A   A C5    1 
ATOM   105 C C6    . A   A 1 5  ? -6.229  3.134   7.133   1.00 35.39  ? 5   A   A C6    1 
ATOM   106 N N6    . A   A 1 5  ? -6.919  2.086   6.698   1.00 35.29  ? 5   A   A N6    1 
ATOM   107 N N1    . A   A 1 5  ? -5.642  3.061   8.349   1.00 32.40  ? 5   A   A N1    1 
ATOM   108 C C2    . A   A 1 5  ? -4.937  4.111   8.778   1.00 33.05  ? 5   A   A C2    1 
ATOM   109 N N3    . A   A 1 5  ? -4.663  5.257   8.153   1.00 31.59  ? 5   A   A N3    1 
ATOM   110 C C4    . A   A 1 5  ? -5.205  5.270   6.926   1.00 32.24  ? 5   A   A C4    1 
ATOM   111 P P     . C   A 1 6  ? -0.550  6.844   3.449   1.00 29.57  ? 6   C   A P     1 
ATOM   112 O OP1   . C   A 1 6  ? 0.620   7.563   2.963   1.00 28.32  ? 6   C   A OP1   1 
ATOM   113 O OP2   . C   A 1 6  ? -1.303  5.878   2.622   1.00 25.49  ? 6   C   A OP2   1 
ATOM   114 O "O5'" . C   A 1 6  ? -0.147  6.005   4.737   1.00 27.27  ? 6   C   A "O5'" 1 
ATOM   115 C "C5'" . C   A 1 6  ? 0.534   6.684   5.778   1.00 28.54  ? 6   C   A "C5'" 1 
ATOM   116 C "C4'" . C   A 1 6  ? 0.525   5.849   7.011   1.00 27.30  ? 6   C   A "C4'" 1 
ATOM   117 O "O4'" . C   A 1 6  ? -0.830  5.550   7.417   1.00 26.50  ? 6   C   A "O4'" 1 
ATOM   118 C "C3'" . C   A 1 6  ? 1.159   4.486   6.850   1.00 25.42  ? 6   C   A "C3'" 1 
ATOM   119 O "O3'" . C   A 1 6  ? 2.553   4.552   7.030   1.00 28.05  ? 6   C   A "O3'" 1 
ATOM   120 C "C2'" . C   A 1 6  ? 0.572   3.761   8.033   1.00 26.76  ? 6   C   A "C2'" 1 
ATOM   121 O "O2'" . C   A 1 6  ? 1.072   4.247   9.230   1.00 26.70  ? 6   C   A "O2'" 1 
ATOM   122 C "C1'" . C   A 1 6  ? -0.858  4.244   7.988   1.00 26.40  ? 6   C   A "C1'" 1 
ATOM   123 N N1    . C   A 1 6  ? -1.705  3.374   7.171   1.00 25.20  ? 6   C   A N1    1 
ATOM   124 C C2    . C   A 1 6  ? -2.224  2.198   7.743   1.00 27.07  ? 6   C   A C2    1 
ATOM   125 O O2    . C   A 1 6  ? -1.906  1.899   8.911   1.00 24.69  ? 6   C   A O2    1 
ATOM   126 N N3    . C   A 1 6  ? -3.057  1.426   7.010   1.00 23.34  ? 6   C   A N3    1 
ATOM   127 C C4    . C   A 1 6  ? -3.409  1.808   5.778   1.00 24.51  ? 6   C   A C4    1 
ATOM   128 N N4    . C   A 1 6  ? -4.227  1.013   5.091   1.00 24.32  ? 6   C   A N4    1 
ATOM   129 C C5    . C   A 1 6  ? -2.894  2.993   5.179   1.00 23.67  ? 6   C   A C5    1 
ATOM   130 C C6    . C   A 1 6  ? -1.987  3.690   5.871   1.00 23.67  ? 6   C   A C6    1 
ATOM   131 P P     . U   A 1 7  ? 3.520   3.477   6.386   1.00 30.49  ? 7   U   A P     1 
ATOM   132 O OP1   . U   A 1 7  ? 4.914   3.966   6.599   1.00 31.71  ? 7   U   A OP1   1 
ATOM   133 O OP2   . U   A 1 7  ? 3.038   3.179   5.039   1.00 24.46  ? 7   U   A OP2   1 
ATOM   134 O "O5'" . U   A 1 7  ? 3.300   2.167   7.256   1.00 28.51  ? 7   U   A "O5'" 1 
ATOM   135 C "C5'" . U   A 1 7  ? 3.705   2.068   8.625   1.00 28.15  ? 7   U   A "C5'" 1 
ATOM   136 C "C4'" . U   A 1 7  ? 3.280   0.729   9.188   1.00 26.41  ? 7   U   A "C4'" 1 
ATOM   137 O "O4'" . U   A 1 7  ? 1.836   0.598   9.208   1.00 28.36  ? 7   U   A "O4'" 1 
ATOM   138 C "C3'" . U   A 1 7  ? 3.734   -0.507  8.434   1.00 27.04  ? 7   U   A "C3'" 1 
ATOM   139 O "O3'" . U   A 1 7  ? 5.105   -0.801  8.716   1.00 31.88  ? 7   U   A "O3'" 1 
ATOM   140 C "C2'" . U   A 1 7  ? 2.802   -1.555  8.997   1.00 26.28  ? 7   U   A "C2'" 1 
ATOM   141 O "O2'" . U   A 1 7  ? 3.036   -1.905  10.364  1.00 28.97  ? 7   U   A "O2'" 1 
ATOM   142 C "C1'" . U   A 1 7  ? 1.490   -0.782  8.969   1.00 26.53  ? 7   U   A "C1'" 1 
ATOM   143 N N1    . U   A 1 7  ? 0.699   -0.871  7.729   1.00 25.65  ? 7   U   A N1    1 
ATOM   144 C C2    . U   A 1 7  ? -0.132  -1.977  7.583   1.00 26.18  ? 7   U   A C2    1 
ATOM   145 O O2    . U   A 1 7  ? -0.135  -2.908  8.354   1.00 26.32  ? 7   U   A O2    1 
ATOM   146 N N3    . U   A 1 7  ? -0.928  -1.961  6.468   1.00 22.55  ? 7   U   A N3    1 
ATOM   147 C C4    . U   A 1 7  ? -0.979  -1.002  5.497   1.00 24.52  ? 7   U   A C4    1 
ATOM   148 O O4    . U   A 1 7  ? -1.794  -1.118  4.587   1.00 24.08  ? 7   U   A O4    1 
ATOM   149 C C5    . U   A 1 7  ? -0.088  0.107   5.705   1.00 25.90  ? 7   U   A C5    1 
ATOM   150 C C6    . U   A 1 7  ? 0.680   0.145   6.805   1.00 22.49  ? 7   U   A C6    1 
ATOM   151 P P     . U   A 1 8  ? 6.044   -1.347  7.571   1.00 32.33  ? 8   U   A P     1 
ATOM   152 O OP1   . U   A 1 8  ? 7.443   -1.330  8.093   1.00 32.77  ? 8   U   A OP1   1 
ATOM   153 O OP2   . U   A 1 8  ? 5.709   -0.718  6.283   1.00 30.11  ? 8   U   A OP2   1 
ATOM   154 O "O5'" . U   A 1 8  ? 5.591   -2.869  7.409   1.00 28.48  ? 8   U   A "O5'" 1 
ATOM   155 C "C5'" . U   A 1 8  ? 5.841   -3.805  8.462   1.00 29.58  ? 8   U   A "C5'" 1 
ATOM   156 C "C4'" . U   A 1 8  ? 5.136   -5.101  8.166   1.00 27.40  ? 8   U   A "C4'" 1 
ATOM   157 O "O4'" . U   A 1 8  ? 3.702   -4.887  8.190   1.00 28.04  ? 8   U   A "O4'" 1 
ATOM   158 C "C3'" . U   A 1 8  ? 5.364   -5.694  6.783   1.00 30.24  ? 8   U   A "C3'" 1 
ATOM   159 O "O3'" . U   A 1 8  ? 6.612   -6.376  6.646   1.00 26.24  ? 8   U   A "O3'" 1 
ATOM   160 C "C2'" . U   A 1 8  ? 4.197   -6.656  6.696   1.00 27.60  ? 8   U   A "C2'" 1 
ATOM   161 O "O2'" . U   A 1 8  ? 4.390   -7.811  7.480   1.00 26.97  ? 8   U   A "O2'" 1 
ATOM   162 C "C1'" . U   A 1 8  ? 3.084   -5.792  7.283   1.00 27.19  ? 8   U   A "C1'" 1 
ATOM   163 N N1    . U   A 1 8  ? 2.404   -5.016  6.238   1.00 24.98  ? 8   U   A N1    1 
ATOM   164 C C2    . U   A 1 8  ? 1.415   -5.672  5.533   1.00 25.30  ? 8   U   A C2    1 
ATOM   165 O O2    . U   A 1 8  ? 1.063   -6.806  5.799   1.00 25.85  ? 8   U   A O2    1 
ATOM   166 N N3    . U   A 1 8  ? 0.744   -4.893  4.629   1.00 24.83  ? 8   U   A N3    1 
ATOM   167 C C4    . U   A 1 8  ? 1.026   -3.587  4.273   1.00 27.32  ? 8   U   A C4    1 
ATOM   168 O O4    . U   A 1 8  ? 0.396   -3.063  3.348   1.00 26.27  ? 8   U   A O4    1 
ATOM   169 C C5    . U   A 1 8  ? 2.123   -2.999  4.986   1.00 26.61  ? 8   U   A C5    1 
ATOM   170 C C6    . U   A 1 8  ? 2.754   -3.714  5.931   1.00 24.84  ? 8   U   A C6    1 
ATOM   171 P P     . A   A 1 9  ? 7.428   -6.366  5.253   1.00 28.67  ? 9   A   A P     1 
ATOM   172 O OP1   . A   A 1 9  ? 8.724   -6.997  5.500   1.00 33.20  ? 9   A   A OP1   1 
ATOM   173 O OP2   . A   A 1 9  ? 7.397   -5.016  4.669   1.00 26.49  ? 9   A   A OP2   1 
ATOM   174 O "O5'" . A   A 1 9  ? 6.598   -7.363  4.330   1.00 26.25  ? 9   A   A "O5'" 1 
ATOM   175 C "C5'" . A   A 1 9  ? 6.652   -8.763  4.570   1.00 26.91  ? 9   A   A "C5'" 1 
ATOM   176 C "C4'" . A   A 1 9  ? 5.484   -9.458  3.870   1.00 26.31  ? 9   A   A "C4'" 1 
ATOM   177 O "O4'" . A   A 1 9  ? 4.243   -8.784  4.174   1.00 26.38  ? 9   A   A "O4'" 1 
ATOM   178 C "C3'" . A   A 1 9  ? 5.615   -9.239  2.406   1.00 27.89  ? 9   A   A "C3'" 1 
ATOM   179 O "O3'" . A   A 1 9  ? 6.554   -10.210 1.868   1.00 29.25  ? 9   A   A "O3'" 1 
ATOM   180 C "C2'" . A   A 1 9  ? 4.250   -9.561  1.955   1.00 24.77  ? 9   A   A "C2'" 1 
ATOM   181 O "O2'" . A   A 1 9  ? 4.038   -10.955 2.092   1.00 23.74  ? 9   A   A "O2'" 1 
ATOM   182 C "C1'" . A   A 1 9  ? 3.435   -8.833  2.987   1.00 25.97  ? 9   A   A "C1'" 1 
ATOM   183 N N9    . A   A 1 9  ? 3.062   -7.473  2.564   1.00 31.66  ? 9   A   A N9    1 
ATOM   184 C C8    . A   A 1 9  ? 3.603   -6.248  2.863   1.00 28.39  ? 9   A   A C8    1 
ATOM   185 N N7    . A   A 1 9  ? 3.018   -5.247  2.254   1.00 32.64  ? 9   A   A N7    1 
ATOM   186 C C5    . A   A 1 9  ? 2.018   -5.851  1.506   1.00 31.54  ? 9   A   A C5    1 
ATOM   187 C C6    . A   A 1 9  ? 1.023   -5.329  0.658   1.00 35.39  ? 9   A   A C6    1 
ATOM   188 N N6    . A   A 1 9  ? 0.904   -4.038  0.369   1.00 35.29  ? 9   A   A N6    1 
ATOM   189 N N1    . A   A 1 9  ? 0.196   -6.206  0.044   1.00 32.40  ? 9   A   A N1    1 
ATOM   190 C C2    . A   A 1 9  ? 0.326   -7.506  0.325   1.00 33.05  ? 9   A   A C2    1 
ATOM   191 N N3    . A   A 1 9  ? 1.214   -8.115  1.114   1.00 31.59  ? 9   A   A N3    1 
ATOM   192 C C4    . A   A 1 9  ? 2.057   -7.224  1.656   1.00 32.24  ? 9   A   A C4    1 
ATOM   193 P P     . A   A 1 10 ? 7.401   -9.941  0.502   1.00 30.46  ? 10  A   A P     1 
ATOM   194 O OP1   . A   A 1 10 ? 8.420   -10.981 0.406   1.00 30.01  ? 10  A   A OP1   1 
ATOM   195 O OP2   . A   A 1 10 ? 7.815   -8.532  0.447   1.00 26.54  ? 10  A   A OP2   1 
ATOM   196 O "O5'" . A   A 1 10 ? 6.337   -10.223 -0.662  1.00 25.71  ? 10  A   A "O5'" 1 
ATOM   197 C "C5'" . A   A 1 10 ? 5.944   -11.550 -0.971  1.00 26.03  ? 10  A   A "C5'" 1 
ATOM   198 C "C4'" . A   A 1 10 ? 4.727   -11.543 -1.896  1.00 24.30  ? 10  A   A "C4'" 1 
ATOM   199 O "O4'" . A   A 1 10 ? 3.641   -10.821 -1.296  1.00 22.39  ? 10  A   A "O4'" 1 
ATOM   200 C "C3'" . A   A 1 10 ? 5.037   -10.752 -3.138  1.00 25.68  ? 10  A   A "C3'" 1 
ATOM   201 O "O3'" . A   A 1 10 ? 5.746   -11.563 -4.131  1.00 28.25  ? 10  A   A "O3'" 1 
ATOM   202 C "C2'" . A   A 1 10 ? 3.651   -10.486 -3.601  1.00 25.08  ? 10  A   A "C2'" 1 
ATOM   203 O "O2'" . A   A 1 10 ? 3.091   -11.710 -4.061  1.00 24.64  ? 10  A   A "O2'" 1 
ATOM   204 C "C1'" . A   A 1 10 ? 2.986   -10.061 -2.321  1.00 24.97  ? 10  A   A "C1'" 1 
ATOM   205 N N9    . A   A 1 10 ? 3.112   -8.628  -2.069  1.00 31.66  ? 10  A   A N9    1 
ATOM   206 C C8    . A   A 1 10 ? 4.003   -7.880  -1.344  1.00 28.39  ? 10  A   A C8    1 
ATOM   207 N N7    . A   A 1 10 ? 3.805   -6.589  -1.430  1.00 32.64  ? 10  A   A N7    1 
ATOM   208 C C5    . A   A 1 10 ? 2.701   -6.476  -2.263  1.00 31.54  ? 10  A   A C5    1 
ATOM   209 C C6    . A   A 1 10 ? 1.972   -5.365  -2.724  1.00 35.39  ? 10  A   A C6    1 
ATOM   210 N N6    . A   A 1 10 ? 2.292   -4.106  -2.443  1.00 35.29  ? 10  A   A N6    1 
ATOM   211 N N1    . A   A 1 10 ? 0.938   -5.595  -3.564  1.00 32.40  ? 10  A   A N1    1 
ATOM   212 C C2    . A   A 1 10 ? 0.627   -6.860  -3.857  1.00 33.05  ? 10  A   A C2    1 
ATOM   213 N N3    . A   A 1 10 ? 1.230   -7.989  -3.475  1.00 31.59  ? 10  A   A N3    1 
ATOM   214 C C4    . A   A 1 10 ? 2.288   -7.721  -2.696  1.00 32.24  ? 10  A   A C4    1 
ATOM   215 P P     . G   A 1 11 ? 6.740   -10.898 -5.241  1.00 30.78  ? 11  G   A P     1 
ATOM   216 O OP1   . G   A 1 11 ? 7.538   -11.997 -5.851  1.00 27.52  ? 11  G   A OP1   1 
ATOM   217 O OP2   . G   A 1 11 ? 7.507   -9.800  -4.588  1.00 31.70  ? 11  G   A OP2   1 
ATOM   218 O "O5'" . G   A 1 11 ? 5.784   -10.260 -6.352  1.00 29.39  ? 11  G   A "O5'" 1 
ATOM   219 C "C5'" . G   A 1 11 ? 4.808   -11.145 -6.942  1.00 29.16  ? 11  G   A "C5'" 1 
ATOM   220 C "C4'" . G   A 1 11 ? 3.805   -10.358 -7.740  1.00 29.93  ? 11  G   A "C4'" 1 
ATOM   221 O "O4'" . G   A 1 11 ? 2.878   -9.637  -6.879  1.00 29.97  ? 11  G   A "O4'" 1 
ATOM   222 C "C3'" . G   A 1 11 ? 4.350   -9.278  -8.676  1.00 30.43  ? 11  G   A "C3'" 1 
ATOM   223 O "O3'" . G   A 1 11 ? 4.881   -9.898  -9.833  1.00 33.74  ? 11  G   A "O3'" 1 
ATOM   224 C "C2'" . G   A 1 11 ? 3.060   -8.502  -8.930  1.00 28.49  ? 11  G   A "C2'" 1 
ATOM   225 O "O2'" . G   A 1 11 ? 2.099   -9.194  -9.684  1.00 26.10  ? 11  G   A "O2'" 1 
ATOM   226 C "C1'" . G   A 1 11 ? 2.549   -8.412  -7.504  1.00 28.31  ? 11  G   A "C1'" 1 
ATOM   227 N N9    . G   A 1 11 ? 3.132   -7.312  -6.742  1.00 27.76  ? 11  G   A N9    1 
ATOM   228 C C8    . G   A 1 11 ? 4.159   -7.318  -5.836  1.00 27.24  ? 11  G   A C8    1 
ATOM   229 N N7    . G   A 1 11 ? 4.375   -6.140  -5.289  1.00 26.85  ? 11  G   A N7    1 
ATOM   230 C C5    . G   A 1 11 ? 3.449   -5.312  -5.913  1.00 26.63  ? 11  G   A C5    1 
ATOM   231 C C6    . G   A 1 11 ? 3.195   -3.940  -5.745  1.00 27.93  ? 11  G   A C6    1 
ATOM   232 O O6    . G   A 1 11 ? 3.753   -3.135  -4.999  1.00 27.36  ? 11  G   A O6    1 
ATOM   233 N N1    . G   A 1 11 ? 2.141   -3.516  -6.538  1.00 30.68  ? 11  G   A N1    1 
ATOM   234 C C2    . G   A 1 11 ? 1.449   -4.284  -7.429  1.00 28.35  ? 11  G   A C2    1 
ATOM   235 N N2    . G   A 1 11 ? 0.500   -3.656  -8.127  1.00 27.92  ? 11  G   A N2    1 
ATOM   236 N N3    . G   A 1 11 ? 1.654   -5.591  -7.581  1.00 27.68  ? 11  G   A N3    1 
ATOM   237 C C4    . G   A 1 11 ? 2.657   -6.026  -6.781  1.00 27.38  ? 11  G   A C4    1 
ATOM   238 P P     . U   A 1 12 ? 5.916   -9.147  -10.767 1.00 32.76  ? 12  U   A P     1 
ATOM   239 O OP1   . U   A 1 12 ? 6.310   -10.079 -11.828 1.00 40.00  ? 12  U   A OP1   1 
ATOM   240 O OP2   . U   A 1 12 ? 6.944   -8.538  -9.903  1.00 31.77  ? 12  U   A OP2   1 
ATOM   241 O "O5'" . U   A 1 12 ? 5.038   -7.995  -11.425 1.00 33.83  ? 12  U   A "O5'" 1 
ATOM   242 C "C5'" . U   A 1 12 ? 4.028   -8.263  -12.403 1.00 34.51  ? 12  U   A "C5'" 1 
ATOM   243 C "C4'" . U   A 1 12 ? 3.429   -6.962  -12.880 1.00 35.29  ? 12  U   A "C4'" 1 
ATOM   244 O "O4'" . U   A 1 12 ? 2.680   -6.331  -11.797 1.00 34.81  ? 12  U   A "O4'" 1 
ATOM   245 C "C3'" . U   A 1 12 ? 4.406   -5.875  -13.303 1.00 37.61  ? 12  U   A "C3'" 1 
ATOM   246 O "O3'" . U   A 1 12 ? 4.873   -6.005  -14.634 1.00 38.08  ? 12  U   A "O3'" 1 
ATOM   247 C "C2'" . U   A 1 12 ? 3.517   -4.652  -13.205 1.00 34.77  ? 12  U   A "C2'" 1 
ATOM   248 O "O2'" . U   A 1 12 ? 2.573   -4.641  -14.243 1.00 33.88  ? 12  U   A "O2'" 1 
ATOM   249 C "C1'" . U   A 1 12 ? 2.810   -4.923  -11.882 1.00 35.12  ? 12  U   A "C1'" 1 
ATOM   250 N N1    . U   A 1 12 ? 3.566   -4.442  -10.713 1.00 32.69  ? 12  U   A N1    1 
ATOM   251 C C2    . U   A 1 12 ? 3.368   -3.125  -10.333 1.00 33.48  ? 12  U   A C2    1 
ATOM   252 O O2    . U   A 1 12 ? 2.620   -2.371  -10.923 1.00 29.75  ? 12  U   A O2    1 
ATOM   253 N N3    . U   A 1 12 ? 4.108   -2.720  -9.251  1.00 28.87  ? 12  U   A N3    1 
ATOM   254 C C4    . U   A 1 12 ? 5.003   -3.470  -8.526  1.00 28.81  ? 12  U   A C4    1 
ATOM   255 O O4    . U   A 1 12 ? 5.577   -2.961  -7.572  1.00 30.48  ? 12  U   A O4    1 
ATOM   256 C C5    . U   A 1 12 ? 5.171   -4.812  -8.988  1.00 30.01  ? 12  U   A C5    1 
ATOM   257 C C6    . U   A 1 12 ? 4.471   -5.239  -10.050 1.00 32.13  ? 12  U   A C6    1 
ATOM   258 P P     . C   A 1 13 ? 6.351   -5.556  -15.025 1.00 38.27  ? 13  C   A P     1 
ATOM   259 O OP1   . C   A 1 13 ? 6.609   -6.021  -16.407 1.00 47.31  ? 13  C   A OP1   1 
ATOM   260 O OP2   . C   A 1 13 ? 7.289   -5.886  -13.930 1.00 33.39  ? 13  C   A OP2   1 
ATOM   261 O "O5'" . C   A 1 13 ? 6.307   -3.959  -15.010 1.00 36.35  ? 13  C   A "O5'" 1 
ATOM   262 C "C5'" . C   A 1 13 ? 5.533   -3.202  -15.939 1.00 32.11  ? 13  C   A "C5'" 1 
ATOM   263 C "C4'" . C   A 1 13 ? 5.311   -1.783  -15.439 1.00 32.31  ? 13  C   A "C4'" 1 
ATOM   264 O "O4'" . C   A 1 13 ? 4.731   -1.799  -14.101 1.00 35.21  ? 13  C   A "O4'" 1 
ATOM   265 C "C3'" . C   A 1 13 ? 6.530   -0.877  -15.271 1.00 35.08  ? 13  C   A "C3'" 1 
ATOM   266 O "O3'" . C   A 1 13 ? 7.000   -0.338  -16.515 1.00 31.46  ? 13  C   A "O3'" 1 
ATOM   267 C "C2'" . C   A 1 13 ? 5.961   0.207   -14.369 1.00 31.88  ? 13  C   A "C2'" 1 
ATOM   268 O "O2'" . C   A 1 13 ? 5.042   1.062   -15.033 1.00 32.70  ? 13  C   A "O2'" 1 
ATOM   269 C "C1'" . C   A 1 13 ? 5.149   -0.643  -13.390 1.00 32.04  ? 13  C   A "C1'" 1 
ATOM   270 N N1    . C   A 1 13 ? 5.936   -1.027  -12.199 1.00 29.20  ? 13  C   A N1    1 
ATOM   271 C C2    . C   A 1 13 ? 6.145   -0.035  -11.231 1.00 30.58  ? 13  C   A C2    1 
ATOM   272 O O2    . C   A 1 13 ? 5.639   1.085   -11.409 1.00 28.92  ? 13  C   A O2    1 
ATOM   273 N N3    . C   A 1 13 ? 6.898   -0.319  -10.141 1.00 29.97  ? 13  C   A N3    1 
ATOM   274 C C4    . C   A 1 13 ? 7.386   -1.550  -9.974  1.00 28.87  ? 13  C   A C4    1 
ATOM   275 N N4    . C   A 1 13 ? 8.099   -1.787  -8.882  1.00 29.05  ? 13  C   A N4    1 
ATOM   276 C C5    . C   A 1 13 ? 7.223   -2.567  -10.959 1.00 25.94  ? 13  C   A C5    1 
ATOM   277 C C6    . C   A 1 13 ? 6.506   -2.261  -12.052 1.00 29.20  ? 13  C   A C6    1 
ATOM   278 P P     . U   A 1 14 ? 8.543   -0.023  -16.696 1.00 36.43  ? 14  U   A P     1 
ATOM   279 O OP1   . U   A 1 14 ? 8.759   0.281   -18.135 1.00 36.09  ? 14  U   A OP1   1 
ATOM   280 O OP2   . U   A 1 14 ? 9.345   -1.029  -15.999 1.00 36.94  ? 14  U   A OP2   1 
ATOM   281 O "O5'" . U   A 1 14 ? 8.722   1.331   -15.868 1.00 33.58  ? 14  U   A "O5'" 1 
ATOM   282 C "C5'" . U   A 1 14 ? 8.294   2.585   -16.458 1.00 31.54  ? 14  U   A "C5'" 1 
ATOM   283 C "C4'" . U   A 1 14 ? 8.556   3.719   -15.502 1.00 31.50  ? 14  U   A "C4'" 1 
ATOM   284 O "O4'" . U   A 1 14 ? 7.993   3.421   -14.188 1.00 28.24  ? 14  U   A "O4'" 1 
ATOM   285 C "C3'" . U   A 1 14 ? 10.021  4.012   -15.208 1.00 31.73  ? 14  U   A "C3'" 1 
ATOM   286 O "O3'" . U   A 1 14 ? 10.672  4.835   -16.166 1.00 33.38  ? 14  U   A "O3'" 1 
ATOM   287 C "C2'" . U   A 1 14 ? 9.910   4.794   -13.916 1.00 31.51  ? 14  U   A "C2'" 1 
ATOM   288 O "O2'" . U   A 1 14 ? 9.346   6.081   -14.106 1.00 31.53  ? 14  U   A "O2'" 1 
ATOM   289 C "C1'" . U   A 1 14 ? 8.815   4.021   -13.195 1.00 29.50  ? 14  U   A "C1'" 1 
ATOM   290 N N1    . U   A 1 14 ? 9.295   2.987   -12.268 1.00 26.73  ? 14  U   A N1    1 
ATOM   291 C C2    . U   A 1 14 ? 9.704   3.415   -11.013 1.00 28.55  ? 14  U   A C2    1 
ATOM   292 O O2    . U   A 1 14 ? 9.715   4.586   -10.680 1.00 28.27  ? 14  U   A O2    1 
ATOM   293 N N3    . U   A 1 14 ? 10.066  2.414   -10.151 1.00 28.20  ? 14  U   A N3    1 
ATOM   294 C C4    . U   A 1 14 ? 10.074  1.061   -10.399 1.00 27.26  ? 14  U   A C4    1 
ATOM   295 O O4    . U   A 1 14 ? 10.473  0.297   -9.526  1.00 26.21  ? 14  U   A O4    1 
ATOM   296 C C5    . U   A 1 14 ? 9.661   0.690   -11.726 1.00 28.09  ? 14  U   A C5    1 
ATOM   297 C C6    . U   A 1 14 ? 9.288   1.645   -12.594 1.00 29.43  ? 14  U   A C6    1 
HETATM 298 O "O5'" . TLN B 1 1  ? 22.769  -2.627  0.501   1.00 38.55  ? 1   TLN B "O5'" 1 
HETATM 299 C "C5'" . TLN B 1 1  ? 23.274  -1.416  1.080   1.00 40.60  ? 1   TLN B "C5'" 1 
HETATM 300 C "C4'" . TLN B 1 1  ? 22.922  -0.443  0.000   1.00 39.30  ? 1   TLN B "C4'" 1 
HETATM 301 O "O4'" . TLN B 1 1  ? 23.232  -0.872  -1.360  1.00 40.68  ? 1   TLN B "O4'" 1 
HETATM 302 C "C1'" . TLN B 1 1  ? 22.519  0.030   -2.209  1.00 38.71  ? 1   TLN B "C1'" 1 
HETATM 303 N N1    . TLN B 1 1  ? 21.721  -0.735  -3.126  1.00 36.10  ? 1   TLN B N1    1 
HETATM 304 C C6    . TLN B 1 1  ? 21.661  -2.144  -3.001  1.00 39.55  ? 1   TLN B C6    1 
HETATM 305 C C5    . TLN B 1 1  ? 20.895  -2.861  -3.918  1.00 42.51  ? 1   TLN B C5    1 
HETATM 306 C C5M   . TLN B 1 1  ? 20.801  -4.251  -3.771  1.00 45.31  ? 1   TLN B C5M   1 
HETATM 307 C C4    . TLN B 1 1  ? 20.201  -2.175  -4.941  1.00 41.74  ? 1   TLN B C4    1 
HETATM 308 O O4    . TLN B 1 1  ? 19.506  -2.772  -5.776  1.00 38.83  ? 1   TLN B O4    1 
HETATM 309 N N3    . TLN B 1 1  ? 20.290  -0.771  -5.034  1.00 35.31  ? 1   TLN B N3    1 
HETATM 310 C C2    . TLN B 1 1  ? 21.085  -0.065  -4.121  1.00 37.29  ? 1   TLN B C2    1 
HETATM 311 O O2    . TLN B 1 1  ? 21.156  1.173   -4.195  1.00 35.12  ? 1   TLN B O2    1 
HETATM 312 C "C3'" . TLN B 1 1  ? 21.444  -0.271  -0.176  1.00 40.52  ? 1   TLN B "C3'" 1 
HETATM 313 C "C2'" . TLN B 1 1  ? 21.680  0.829   -1.198  1.00 39.70  ? 1   TLN B "C2'" 1 
HETATM 314 O "O2'" . TLN B 1 1  ? 22.618  1.781   -0.637  1.00 39.26  ? 1   TLN B "O2'" 1 
HETATM 315 O "O3'" . TLN B 1 1  ? 20.878  0.127   1.077   1.00 44.14  ? 1   TLN B "O3'" 1 
HETATM 316 C "C6'" . TLN B 1 1  ? 23.521  0.972   0.281   1.00 39.01  ? 1   TLN B "C6'" 1 
HETATM 317 P P     . TLN B 1 2  ? 19.300  0.165   1.300   1.00 42.27  ? 2   TLN B P     1 
HETATM 318 O OP1   . TLN B 1 2  ? 19.076  0.524   2.723   1.00 41.36  ? 2   TLN B OP1   1 
HETATM 319 O OP2   . TLN B 1 2  ? 18.715  -1.020  0.691   1.00 36.37  ? 2   TLN B OP2   1 
HETATM 320 O "O5'" . TLN B 1 2  ? 18.853  1.455   0.412   1.00 37.03  ? 2   TLN B "O5'" 1 
HETATM 321 C "C5'" . TLN B 1 2  ? 19.100  2.791   0.820   1.00 34.39  ? 2   TLN B "C5'" 1 
HETATM 322 C "C4'" . TLN B 1 2  ? 18.591  3.503   -0.423  1.00 34.32  ? 2   TLN B "C4'" 1 
HETATM 323 O "O4'" . TLN B 1 2  ? 19.158  2.983   -1.616  1.00 33.16  ? 2   TLN B "O4'" 1 
HETATM 324 C "C1'" . TLN B 1 2  ? 18.269  3.392   -2.657  1.00 33.02  ? 2   TLN B "C1'" 1 
HETATM 325 N N1    . TLN B 1 2  ? 17.664  2.274   -3.372  1.00 29.74  ? 2   TLN B N1    1 
HETATM 326 C C6    . TLN B 1 2  ? 17.769  0.983   -2.832  1.00 30.95  ? 2   TLN B C6    1 
HETATM 327 C C5    . TLN B 1 2  ? 17.213  -0.100  -3.500  1.00 32.58  ? 2   TLN B C5    1 
HETATM 328 C C5M   . TLN B 1 2  ? 17.291  -1.435  -2.977  1.00 35.25  ? 2   TLN B C5M   1 
HETATM 329 C C4    . TLN B 1 2  ? 16.523  0.123   -4.669  1.00 29.40  ? 2   TLN B C4    1 
HETATM 330 O O4    . TLN B 1 2  ? 16.024  -0.836  -5.259  1.00 32.43  ? 2   TLN B O4    1 
HETATM 331 N N3    . TLN B 1 2  ? 16.444  1.381   -5.223  1.00 30.05  ? 2   TLN B N3    1 
HETATM 332 C C2    . TLN B 1 2  ? 17.007  2.497   -4.537  1.00 29.12  ? 2   TLN B C2    1 
HETATM 333 O O2    . TLN B 1 2  ? 16.869  3.626   -5.021  1.00 29.35  ? 2   TLN B O2    1 
HETATM 334 C "C3'" . TLN B 1 2  ? 17.114  3.344   -0.679  1.00 33.21  ? 2   TLN B "C3'" 1 
HETATM 335 C "C2'" . TLN B 1 2  ? 17.211  4.140   -1.924  1.00 32.91  ? 2   TLN B "C2'" 1 
HETATM 336 O "O2'" . TLN B 1 2  ? 17.851  5.363   -1.527  1.00 33.09  ? 2   TLN B "O2'" 1 
HETATM 337 O "O3'" . TLN B 1 2  ? 16.332  4.002   0.390   1.00 39.06  ? 2   TLN B "O3'" 1 
HETATM 338 C "C6'" . TLN B 1 2  ? 18.877  5.019   -0.451  1.00 33.26  ? 2   TLN B "C6'" 1 
HETATM 339 P P     . LCA B 1 3  ? 14.772  3.755   0.552   1.00 35.63  ? 3   LCA B P     1 
HETATM 340 O O1P   . LCA B 1 3  ? 14.343  4.368   1.832   1.00 34.36  ? 3   LCA B O1P   1 
HETATM 341 O "O5'" . LCA B 1 3  ? 14.213  4.667   -0.614  1.00 35.19  ? 3   LCA B "O5'" 1 
HETATM 342 C "C5'" . LCA B 1 3  ? 14.313  6.079   -0.603  1.00 28.28  ? 3   LCA B "C5'" 1 
HETATM 343 C "C3'" . LCA B 1 3  ? 12.330  6.250   -2.241  1.00 28.90  ? 3   LCA B "C3'" 1 
HETATM 344 C "C6'" . LCA B 1 3  ? 13.795  8.091   -2.138  1.00 29.38  ? 3   LCA B "C6'" 1 
HETATM 345 N N9    . LCA B 1 3  ? 13.314  4.637   -4.462  1.00 27.54  ? 3   LCA B N9    1 
HETATM 346 C C8    . LCA B 1 3  ? 13.637  3.458   -3.856  1.00 27.03  ? 3   LCA B C8    1 
HETATM 347 C C4    . LCA B 1 3  ? 12.642  4.375   -5.596  1.00 26.43  ? 3   LCA B C4    1 
HETATM 348 N N7    . LCA B 1 3  ? 13.181  2.458   -4.628  1.00 26.38  ? 3   LCA B N7    1 
HETATM 349 C C5    . LCA B 1 3  ? 12.571  3.048   -5.739  1.00 26.50  ? 3   LCA B C5    1 
HETATM 350 C C6    . LCA B 1 3  ? 11.886  2.554   -6.824  1.00 27.50  ? 3   LCA B C6    1 
HETATM 351 C "C2'" . LCA B 1 3  ? 12.442  6.911   -3.580  1.00 27.77  ? 3   LCA B "C2'" 1 
HETATM 352 N N6    . LCA B 1 3  ? 11.812  1.214   -6.970  1.00 27.16  ? 3   LCA B N6    1 
HETATM 353 C "C4'" . LCA B 1 3  ? 13.792  6.591   -1.926  1.00 30.44  ? 3   LCA B "C4'" 1 
HETATM 354 C "C1'" . LCA B 1 3  ? 13.591  6.059   -4.148  1.00 27.50  ? 3   LCA B "C1'" 1 
HETATM 355 C C2    . LCA B 1 3  ? 11.446  4.725   -7.625  1.00 28.80  ? 3   LCA B C2    1 
HETATM 356 N N1    . LCA B 1 3  ? 11.334  3.320   -7.781  1.00 26.87  ? 3   LCA B N1    1 
HETATM 357 O "O4'" . LCA B 1 3  ? 14.486  5.881   -3.013  1.00 28.01  ? 3   LCA B "O4'" 1 
HETATM 358 N N3    . LCA B 1 3  ? 12.117  5.216   -6.511  1.00 26.26  ? 3   LCA B N3    1 
HETATM 359 O "O3'" . LCA B 1 3  ? 11.415  6.909   -1.324  1.00 30.75  ? 3   LCA B "O3'" 1 
HETATM 360 O OXT   . LCA B 1 3  ? 14.343  2.390   0.268   1.00 31.91  ? 3   LCA B OXT   1 
HETATM 361 O "O2'" . LCA B 1 3  ? 12.942  8.251   -3.313  1.00 30.54  ? 3   LCA B "O2'" 1 
HETATM 362 P P     . LCG B 1 4  ? 10.010  6.306   -0.952  1.00 29.10  ? 4   LCG B P     1 
HETATM 363 O OP1   . LCG B 1 4  ? 9.463   7.205   0.144   1.00 28.98  ? 4   LCG B OP1   1 
HETATM 364 O "O5'" . LCG B 1 4  ? 9.159   6.567   -2.260  1.00 25.21  ? 4   LCG B "O5'" 1 
HETATM 365 C "C5'" . LCG B 1 4  ? 8.914   7.821   -2.810  1.00 26.32  ? 4   LCG B "C5'" 1 
HETATM 366 C "C3'" . LCG B 1 4  ? 7.038   6.756   -4.221  1.00 27.76  ? 4   LCG B "C3'" 1 
HETATM 367 C "C6'" . LCG B 1 4  ? 7.928   8.857   -4.964  1.00 26.83  ? 4   LCG B "C6'" 1 
HETATM 368 N N9    . LCG B 1 4  ? 8.473   4.818   -5.953  1.00 26.16  ? 4   LCG B N9    1 
HETATM 369 C C8    . LCG B 1 4  ? 9.060   4.143   -4.964  1.00 25.71  ? 4   LCG B C8    1 
HETATM 370 C C4    . LCG B 1 4  ? 8.027   3.934   -6.854  1.00 25.35  ? 4   LCG B C4    1 
HETATM 371 N N7    . LCG B 1 4  ? 9.037   2.845   -5.285  1.00 27.02  ? 4   LCG B N7    1 
HETATM 372 C C5    . LCG B 1 4  ? 8.350   2.719   -6.444  1.00 25.96  ? 4   LCG B C5    1 
HETATM 373 C C6    . LCG B 1 4  ? 8.059   1.675   -7.196  1.00 27.59  ? 4   LCG B C6    1 
HETATM 374 C "C2'" . LCG B 1 4  ? 6.920   6.853   -5.692  1.00 28.35  ? 4   LCG B "C2'" 1 
HETATM 375 O O6    . LCG B 1 4  ? 8.309   0.506   -6.871  1.00 27.98  ? 4   LCG B O6    1 
HETATM 376 C "C4'" . LCG B 1 4  ? 8.278   7.586   -4.215  1.00 26.23  ? 4   LCG B "C4'" 1 
HETATM 377 C "C1'" . LCG B 1 4  ? 8.305   6.302   -6.108  1.00 27.77  ? 4   LCG B "C1'" 1 
HETATM 378 C C2    . LCG B 1 4  ? 7.102   3.143   -8.787  1.00 28.05  ? 4   LCG B C2    1 
HETATM 379 N N1    . LCG B 1 4  ? 7.393   1.876   -8.386  1.00 26.03  ? 4   LCG B N1    1 
HETATM 380 O "O4'" . LCG B 1 4  ? 9.173   6.889   -5.118  1.00 30.32  ? 4   LCG B "O4'" 1 
HETATM 381 O OP2   . LCG B 1 4  ? 10.144  4.869   -0.752  1.00 29.31  ? 4   LCG B OP2   1 
HETATM 382 N N2    . LCG B 1 4  ? 6.456   3.336   -9.900  1.00 26.53  ? 4   LCG B N2    1 
HETATM 383 N N3    . LCG B 1 4  ? 7.435   4.167   -8.020  1.00 26.69  ? 4   LCG B N3    1 
HETATM 384 O "O2'" . LCG B 1 4  ? 6.947   8.272   -5.924  1.00 28.87  ? 4   LCG B "O2'" 1 
HETATM 385 O "O3'" . LCG B 1 4  ? 6.023   7.462   -3.588  1.00 29.93  ? 4   LCG B "O3'" 1 
ATOM   386 P P     . A   B 1 5  ? 4.695   6.735   -2.985  1.00 31.50  ? 5   A   B P     1 
ATOM   387 O OP1   . A   B 1 5  ? 3.982   7.722   -2.189  1.00 28.34  ? 5   A   B OP1   1 
ATOM   388 O OP2   . A   B 1 5  ? 5.064   5.457   -2.358  1.00 26.93  ? 5   A   B OP2   1 
ATOM   389 O "O5'" . A   B 1 5  ? 3.816   6.442   -4.282  1.00 27.24  ? 5   A   B "O5'" 1 
ATOM   390 C "C5'" . A   B 1 5  ? 3.288   7.500   -5.070  1.00 26.83  ? 5   A   B "C5'" 1 
ATOM   391 C "C4'" . A   B 1 5  ? 2.712   6.939   -6.381  1.00 28.19  ? 5   A   B "C4'" 1 
ATOM   392 O "O4'" . A   B 1 5  ? 3.724   6.290   -7.177  1.00 24.77  ? 5   A   B "O4'" 1 
ATOM   393 C "C3'" . A   B 1 5  ? 1.745   5.841   -6.060  1.00 25.52  ? 5   A   B "C3'" 1 
ATOM   394 O "O3'" . A   B 1 5  ? 0.432   6.397   -5.721  1.00 27.88  ? 5   A   B "O3'" 1 
ATOM   395 C "C2'" . A   B 1 5  ? 1.710   5.141   -7.377  1.00 26.59  ? 5   A   B "C2'" 1 
ATOM   396 O "O2'" . A   B 1 5  ? 1.001   5.929   -8.323  1.00 25.23  ? 5   A   B "O2'" 1 
ATOM   397 C "C1'" . A   B 1 5  ? 3.166   5.097   -7.739  1.00 26.61  ? 5   A   B "C1'" 1 
ATOM   398 N N9    . A   B 1 5  ? 3.806   3.881   -7.182  1.00 27.34  ? 5   A   B N9    1 
ATOM   399 C C8    . A   B 1 5  ? 4.581   3.715   -6.056  1.00 28.39  ? 5   A   B C8    1 
ATOM   400 N N7    . A   B 1 5  ? 4.992   2.486   -5.872  1.00 32.64  ? 5   A   B N7    1 
ATOM   401 C C5    . A   B 1 5  ? 4.475   1.796   -6.958  1.00 31.54  ? 5   A   B C5    1 
ATOM   402 C C6    . A   B 1 5  ? 4.579   0.451   -7.364  1.00 35.39  ? 5   A   B C6    1 
ATOM   403 N N6    . A   B 1 5  ? 5.218   -0.480  -6.666  1.00 35.29  ? 5   A   B N6    1 
ATOM   404 N N1    . A   B 1 5  ? 3.923   0.081   -8.487  1.00 32.40  ? 5   A   B N1    1 
ATOM   405 C C2    . A   B 1 5  ? 3.270   1.017   -9.180  1.00 33.05  ? 5   A   B C2    1 
ATOM   406 N N3    . A   B 1 5  ? 3.109   2.314   -8.906  1.00 31.59  ? 5   A   B N3    1 
ATOM   407 C C4    . A   B 1 5  ? 3.719   2.634   -7.755  1.00 32.24  ? 5   A   B C4    1 
ATOM   408 P P     . C   B 1 6  ? -0.637  5.608   -4.767  1.00 28.84  ? 6   C   B P     1 
ATOM   409 O OP1   . C   B 1 6  ? -1.712  6.577   -4.464  1.00 29.67  ? 6   C   B OP1   1 
ATOM   410 O OP2   . C   B 1 6  ? 0.108   4.940   -3.707  1.00 29.56  ? 6   C   B OP2   1 
ATOM   411 O "O5'" . C   B 1 6  ? -1.214  4.456   -5.696  1.00 26.65  ? 6   C   B "O5'" 1 
ATOM   412 C "C5'" . C   B 1 6  ? -1.903  4.767   -6.899  1.00 27.70  ? 6   C   B "C5'" 1 
ATOM   413 C "C4'" . C   B 1 6  ? -2.016  3.507   -7.720  1.00 27.83  ? 6   C   B "C4'" 1 
ATOM   414 O "O4'" . C   B 1 6  ? -0.699  3.005   -8.108  1.00 28.04  ? 6   C   B "O4'" 1 
ATOM   415 C "C3'" . C   B 1 6  ? -2.664  2.321   -7.025  1.00 28.26  ? 6   C   B "C3'" 1 
ATOM   416 O "O3'" . C   B 1 6  ? -4.084  2.366   -7.124  1.00 30.75  ? 6   C   B "O3'" 1 
ATOM   417 C "C2'" . C   B 1 6  ? -2.172  1.182   -7.892  1.00 28.73  ? 6   C   B "C2'" 1 
ATOM   418 O "O2'" . C   B 1 6  ? -2.796  1.209   -9.154  1.00 29.00  ? 6   C   B "O2'" 1 
ATOM   419 C "C1'" . C   B 1 6  ? -0.719  1.581   -8.112  1.00 27.31  ? 6   C   B "C1'" 1 
ATOM   420 N N1    . C   B 1 6  ? 0.200   1.061   -7.066  1.00 26.97  ? 6   C   B N1    1 
ATOM   421 C C2    . C   B 1 6  ? 0.690   -0.249  -7.199  1.00 27.12  ? 6   C   B C2    1 
ATOM   422 O O2    . C   B 1 6  ? 0.353   -0.923  -8.183  1.00 26.66  ? 6   C   B O2    1 
ATOM   423 N N3    . C   B 1 6  ? 1.517   -0.744  -6.259  1.00 25.62  ? 6   C   B N3    1 
ATOM   424 C C4    . C   B 1 6  ? 1.909   0.026   -5.247  1.00 26.42  ? 6   C   B C4    1 
ATOM   425 N N4    . C   B 1 6  ? 2.760   -0.502  -4.362  1.00 23.65  ? 6   C   B N4    1 
ATOM   426 C C5    . C   B 1 6  ? 1.384   1.338   -5.049  1.00 25.41  ? 6   C   B C5    1 
ATOM   427 C C6    . C   B 1 6  ? 0.557   1.821   -5.988  1.00 23.74  ? 6   C   B C6    1 
ATOM   428 P P     . U   B 1 7  ? -5.036  1.663   -5.997  1.00 33.31  ? 7   U   B P     1 
ATOM   429 O OP1   . U   B 1 7  ? -6.453  2.028   -6.292  1.00 29.66  ? 7   U   B OP1   1 
ATOM   430 O OP2   . U   B 1 7  ? -4.483  1.910   -4.684  1.00 32.55  ? 7   U   B OP2   1 
ATOM   431 O "O5'" . U   B 1 7  ? -4.888  0.118   -6.313  1.00 31.36  ? 7   U   B "O5'" 1 
ATOM   432 C "C5'" . U   B 1 7  ? -5.318  -0.380  -7.578  1.00 33.15  ? 7   U   B "C5'" 1 
ATOM   433 C "C4'" . U   B 1 7  ? -5.008  -1.844  -7.700  1.00 33.69  ? 7   U   B "C4'" 1 
ATOM   434 O "O4'" . U   B 1 7  ? -3.584  -2.059  -7.891  1.00 31.94  ? 7   U   B "O4'" 1 
ATOM   435 C "C3'" . U   B 1 7  ? -5.350  -2.713  -6.493  1.00 32.81  ? 7   U   B "C3'" 1 
ATOM   436 O "O3'" . U   B 1 7  ? -6.706  -3.112  -6.533  1.00 31.01  ? 7   U   B "O3'" 1 
ATOM   437 C "C2'" . U   B 1 7  ? -4.495  -3.926  -6.773  1.00 29.57  ? 7   U   B "C2'" 1 
ATOM   438 O "O2'" . U   B 1 7  ? -5.027  -4.639  -7.845  1.00 31.06  ? 7   U   B "O2'" 1 
ATOM   439 C "C1'" . U   B 1 7  ? -3.201  -3.263  -7.230  1.00 32.55  ? 7   U   B "C1'" 1 
ATOM   440 N N1    . U   B 1 7  ? -2.285  -2.931  -6.118  1.00 30.70  ? 7   U   B N1    1 
ATOM   441 C C2    . U   B 1 7  ? -1.464  -3.948  -5.661  1.00 29.57  ? 7   U   B C2    1 
ATOM   442 O O2    . U   B 1 7  ? -1.476  -5.069  -6.132  1.00 29.39  ? 7   U   B O2    1 
ATOM   443 N N3    . U   B 1 7  ? -0.585  -3.579  -4.674  1.00 28.61  ? 7   U   B N3    1 
ATOM   444 C C4    . U   B 1 7  ? -0.501  -2.360  -4.049  1.00 27.54  ? 7   U   B C4    1 
ATOM   445 O O4    . U   B 1 7  ? 0.352   -2.185  -3.190  1.00 27.44  ? 7   U   B O4    1 
ATOM   446 C C5    . U   B 1 7  ? -1.420  -1.374  -4.537  1.00 29.00  ? 7   U   B C5    1 
ATOM   447 C C6    . U   B 1 7  ? -2.272  -1.692  -5.517  1.00 28.91  ? 7   U   B C6    1 
ATOM   448 P P     . U   B 1 8  ? -7.495  -3.415  -5.224  1.00 36.59  ? 8   U   B P     1 
ATOM   449 O OP1   . U   B 1 8  ? -8.895  -3.747  -5.596  1.00 36.22  ? 8   U   B OP1   1 
ATOM   450 O OP2   . U   B 1 8  ? -7.202  -2.383  -4.259  1.00 27.59  ? 8   U   B OP2   1 
ATOM   451 O "O5'" . U   B 1 8  ? -6.885  -4.793  -4.724  1.00 30.87  ? 8   U   B "O5'" 1 
ATOM   452 C "C5'" . U   B 1 8  ? -7.071  -5.993  -5.479  1.00 31.25  ? 8   U   B "C5'" 1 
ATOM   453 C "C4'" . U   B 1 8  ? -6.145  -7.053  -4.947  1.00 31.80  ? 8   U   B "C4'" 1 
ATOM   454 O "O4'" . U   B 1 8  ? -4.747  -6.663  -5.075  1.00 28.73  ? 8   U   B "O4'" 1 
ATOM   455 C "C3'" . U   B 1 8  ? -6.300  -7.366  -3.466  1.00 30.15  ? 8   U   B "C3'" 1 
ATOM   456 O "O3'" . U   B 1 8  ? -7.501  -8.138  -3.302  1.00 29.85  ? 8   U   B "O3'" 1 
ATOM   457 C "C2'" . U   B 1 8  ? -4.998  -8.109  -3.214  1.00 29.51  ? 8   U   B "C2'" 1 
ATOM   458 O "O2'" . U   B 1 8  ? -5.031  -9.408  -3.781  1.00 28.13  ? 8   U   B "O2'" 1 
ATOM   459 C "C1'" . U   B 1 8  ? -4.004  -7.237  -4.002  1.00 30.45  ? 8   U   B "C1'" 1 
ATOM   460 N N1    . U   B 1 8  ? -3.398  -6.158  -3.196  1.00 26.61  ? 8   U   B N1    1 
ATOM   461 C C2    . U   B 1 8  ? -2.327  -6.508  -2.387  1.00 26.79  ? 8   U   B C2    1 
ATOM   462 O O2    . U   B 1 8  ? -1.878  -7.641  -2.338  1.00 24.01  ? 8   U   B O2    1 
ATOM   463 N N3    . U   B 1 8  ? -1.795  -5.476  -1.660  1.00 23.47  ? 8   U   B N3    1 
ATOM   464 C C4    . U   B 1 8  ? -2.208  -4.162  -1.643  1.00 27.22  ? 8   U   B C4    1 
ATOM   465 O O4    . U   B 1 8  ? -1.638  -3.353  -0.908  1.00 24.38  ? 8   U   B O4    1 
ATOM   466 C C5    . U   B 1 8  ? -3.319  -3.882  -2.497  1.00 27.95  ? 8   U   B C5    1 
ATOM   467 C C6    . U   B 1 8  ? -3.874  -4.872  -3.213  1.00 26.75  ? 8   U   B C6    1 
ATOM   468 P P     . A   B 1 9  ? -8.327  -8.131  -1.913  1.00 33.87  ? 9   A   B P     1 
ATOM   469 O OP1   . A   B 1 9  ? -9.482  -9.014  -2.086  1.00 40.31  ? 9   A   B OP1   1 
ATOM   470 O OP2   . A   B 1 9  ? -8.554  -6.739  -1.494  1.00 32.98  ? 9   A   B OP2   1 
ATOM   471 O "O5'" . A   B 1 9  ? -7.344  -8.842  -0.863  1.00 29.31  ? 9   A   B "O5'" 1 
ATOM   472 C "C5'" . A   B 1 9  ? -7.188  -10.252 -0.854  1.00 28.34  ? 9   A   B "C5'" 1 
ATOM   473 C "C4'" . A   B 1 9  ? -6.114  -10.654 0.158   1.00 29.36  ? 9   A   B "C4'" 1 
ATOM   474 O "O4'" . A   B 1 9  ? -4.829  -10.116 -0.180  1.00 28.23  ? 9   A   B "O4'" 1 
ATOM   475 C "C3'" . A   B 1 9  ? -6.425  -10.005 1.460   1.00 30.73  ? 9   A   B "C3'" 1 
ATOM   476 O "O3'" . A   B 1 9  ? -7.435  -10.775 2.146   1.00 31.91  ? 9   A   B "O3'" 1 
ATOM   477 C "C2'" . A   B 1 9  ? -5.124  -10.162 2.152   1.00 30.25  ? 9   A   B "C2'" 1 
ATOM   478 O "O2'" . A   B 1 9  ? -4.949  -11.520 2.525   1.00 29.39  ? 9   A   B "O2'" 1 
ATOM   479 C "C1'" . A   B 1 9  ? -4.164  -9.791  1.057   1.00 28.56  ? 9   A   B "C1'" 1 
ATOM   480 N N9    . A   B 1 9  ? -3.862  -8.351  1.085   1.00 31.66  ? 9   A   B N9    1 
ATOM   481 C C8    . A   B 1 9  ? -4.397  -7.296  0.388   1.00 28.39  ? 9   A   B C8    1 
ATOM   482 N N7    . A   B 1 9  ? -3.865  -6.138  0.686   1.00 32.64  ? 9   A   B N7    1 
ATOM   483 C C5    . A   B 1 9  ? -2.909  -6.448  1.642   1.00 31.54  ? 9   A   B C5    1 
ATOM   484 C C6    . A   B 1 9  ? -1.978  -5.657  2.341   1.00 35.39  ? 9   A   B C6    1 
ATOM   485 N N6    . A   B 1 9  ? -1.894  -4.337  2.217   1.00 35.29  ? 9   A   B N6    1 
ATOM   486 N N1    . A   B 1 9  ? -1.182  -6.274  3.244   1.00 32.40  ? 9   A   B N1    1 
ATOM   487 C C2    . A   B 1 9  ? -1.278  -7.598  3.376   1.00 33.05  ? 9   A   B C2    1 
ATOM   488 N N3    . A   B 1 9  ? -2.106  -8.451  2.767   1.00 31.59  ? 9   A   B N3    1 
ATOM   489 C C4    . A   B 1 9  ? -2.923  -7.799  1.926   1.00 32.24  ? 9   A   B C4    1 
ATOM   490 P P     . A   B 1 10 ? -8.463  -10.096 3.209   1.00 33.90  ? 10  A   B P     1 
ATOM   491 O OP1   . A   B 1 10 ? -9.475  -11.100 3.543   1.00 39.82  ? 10  A   B OP1   1 
ATOM   492 O OP2   . A   B 1 10 ? -8.902  -8.786  2.711   1.00 28.07  ? 10  A   B OP2   1 
ATOM   493 O "O5'" . A   B 1 10 ? -7.567  -9.864  4.519   1.00 27.74  ? 10  A   B "O5'" 1 
ATOM   494 C "C5'" . A   B 1 10 ? -7.218  -10.942 5.373   1.00 27.43  ? 10  A   B "C5'" 1 
ATOM   495 C "C4'" . A   B 1 10 ? -6.030  -10.535 6.241   1.00 26.00  ? 10  A   B "C4'" 1 
ATOM   496 O "O4'" . A   B 1 10 ? -5.021  -9.919  5.410   1.00 26.43  ? 10  A   B "O4'" 1 
ATOM   497 C "C3'" . A   B 1 10 ? -6.433  -9.396  7.108   1.00 27.90  ? 10  A   B "C3'" 1 
ATOM   498 O "O3'" . A   B 1 10 ? -7.212  -9.870  8.249   1.00 29.32  ? 10  A   B "O3'" 1 
ATOM   499 C "C2'" . A   B 1 10 ? -5.082  -8.898  7.518   1.00 25.69  ? 10  A   B "C2'" 1 
ATOM   500 O "O2'" . A   B 1 10 ? -4.474  -9.798  8.438   1.00 24.26  ? 10  A   B "O2'" 1 
ATOM   501 C "C1'" . A   B 1 10 ? -4.355  -8.927  6.197   1.00 25.97  ? 10  A   B "C1'" 1 
ATOM   502 N N9    . A   B 1 10 ? -4.481  -7.617  5.562   1.00 31.66  ? 10  A   B N9    1 
ATOM   503 C C8    . A   B 1 10 ? -5.371  -7.133  4.638   1.00 28.39  ? 10  A   B C8    1 
ATOM   504 N N7    . A   B 1 10 ? -5.184  -5.874  4.330   1.00 32.64  ? 10  A   B N7    1 
ATOM   505 C C5    . A   B 1 10 ? -4.090  -5.504  5.099   1.00 31.54  ? 10  A   B C5    1 
ATOM   506 C C6    . A   B 1 10 ? -3.374  -4.297  5.207   1.00 35.39  ? 10  A   B C6    1 
ATOM   507 N N6    . A   B 1 10 ? -3.701  -3.186  4.556   1.00 35.29  ? 10  A   B N6    1 
ATOM   508 N N1    . A   B 1 10 ? -2.346  -4.252  6.084   1.00 32.40  ? 10  A   B N1    1 
ATOM   509 C C2    . A   B 1 10 ? -2.028  -5.366  6.749   1.00 33.05  ? 10  A   B C2    1 
ATOM   510 N N3    . A   B 1 10 ? -2.618  -6.563  6.723   1.00 31.59  ? 10  A   B N3    1 
ATOM   511 C C4    . A   B 1 10 ? -3.671  -6.554  5.891   1.00 32.24  ? 10  A   B C4    1 
ATOM   512 P P     . G   B 1 11 ? -8.209  -8.866  9.067   1.00 34.97  ? 11  G   B P     1 
ATOM   513 O OP1   . G   B 1 11 ? -8.941  -9.714  10.071  1.00 33.87  ? 11  G   B OP1   1 
ATOM   514 O OP2   . G   B 1 11 ? -8.983  -8.083  8.120   1.00 29.51  ? 11  G   B OP2   1 
ATOM   515 O "O5'" . G   B 1 11 ? -7.250  -7.829  9.836   1.00 31.52  ? 11  G   B "O5'" 1 
ATOM   516 C "C5'" . G   B 1 11 ? -6.528  -8.287  10.979  1.00 28.97  ? 11  G   B "C5'" 1 
ATOM   517 C "C4'" . G   B 1 11 ? -5.574  -7.206  11.423  1.00 28.38  ? 11  G   B "C4'" 1 
ATOM   518 O "O4'" . G   B 1 11 ? -4.720  -6.834  10.312  1.00 27.49  ? 11  G   B "O4'" 1 
ATOM   519 C "C3'" . G   B 1 11 ? -6.149  -5.851  11.860  1.00 26.86  ? 11  G   B "C3'" 1 
ATOM   520 O "O3'" . G   B 1 11 ? -6.714  -5.915  13.165  1.00 26.10  ? 11  G   B "O3'" 1 
ATOM   521 C "C2'" . G   B 1 11 ? -4.850  -5.043  11.831  1.00 25.81  ? 11  G   B "C2'" 1 
ATOM   522 O "O2'" . G   B 1 11 ? -3.973  -5.464  12.851  1.00 23.97  ? 11  G   B "O2'" 1 
ATOM   523 C "C1'" . G   B 1 11 ? -4.290  -5.504  10.492  1.00 26.42  ? 11  G   B "C1'" 1 
ATOM   524 N N9    . G   B 1 11 ? -4.792  -4.729  9.378   1.00 25.10  ? 11  G   B N9    1 
ATOM   525 C C8    . G   B 1 11 ? -5.791  -5.064  8.489   1.00 27.68  ? 11  G   B C8    1 
ATOM   526 N N7    . G   B 1 11 ? -6.004  -4.128  7.595   1.00 26.08  ? 11  G   B N7    1 
ATOM   527 C C5    . G   B 1 11 ? -5.100  -3.119  7.936   1.00 25.66  ? 11  G   B C5    1 
ATOM   528 C C6    . G   B 1 11 ? -4.872  -1.848  7.363   1.00 25.57  ? 11  G   B C6    1 
ATOM   529 O O6    . G   B 1 11 ? -5.415  -1.342  6.379   1.00 23.65  ? 11  G   B O6    1 
ATOM   530 N N1    . G   B 1 11 ? -3.868  -1.149  8.035   1.00 23.86  ? 11  G   B N1    1 
ATOM   531 C C2    . G   B 1 11 ? -3.206  -1.584  9.150   1.00 25.14  ? 11  G   B C2    1 
ATOM   532 N N2    . G   B 1 11 ? -2.291  -0.765  9.663   1.00 24.29  ? 11  G   B N2    1 
ATOM   533 N N3    . G   B 1 11 ? -3.403  -2.771  9.701   1.00 24.93  ? 11  G   B N3    1 
ATOM   534 C C4    . G   B 1 11 ? -4.357  -3.478  9.038   1.00 27.34  ? 11  G   B C4    1 
ATOM   535 P P     . U   B 1 12 ? -7.792  -4.852  13.674  1.00 31.73  ? 12  U   B P     1 
ATOM   536 O OP1   . U   B 1 12 ? -8.294  -5.336  14.957  1.00 30.94  ? 12  U   B OP1   1 
ATOM   537 O OP2   . U   B 1 12 ? -8.718  -4.489  12.532  1.00 27.71  ? 12  U   B OP2   1 
ATOM   538 O "O5'" . U   B 1 12 ? -6.936  -3.539  13.951  1.00 30.06  ? 12  U   B "O5'" 1 
ATOM   539 C "C5'" . U   B 1 12 ? -5.894  -3.484  14.940  1.00 30.59  ? 12  U   B "C5'" 1 
ATOM   540 C "C4'" . U   B 1 12 ? -5.206  -2.132  14.863  1.00 30.70  ? 12  U   B "C4'" 1 
ATOM   541 O "O4'" . U   B 1 12 ? -4.515  -1.987  13.586  1.00 30.58  ? 12  U   B "O4'" 1 
ATOM   542 C "C3'" . U   B 1 12 ? -6.119  -0.924  14.866  1.00 31.02  ? 12  U   B "C3'" 1 
ATOM   543 O "O3'" . U   B 1 12 ? -6.540  -0.639  16.184  1.00 33.28  ? 12  U   B "O3'" 1 
ATOM   544 C "C2'" . U   B 1 12 ? -5.175  0.146   14.340  1.00 29.48  ? 12  U   B "C2'" 1 
ATOM   545 O "O2'" . U   B 1 12 ? -4.085  0.479   15.163  1.00 27.82  ? 12  U   B "O2'" 1 
ATOM   546 C "C1'" . U   B 1 12 ? -4.509  -0.618  13.205  1.00 30.85  ? 12  U   B "C1'" 1 
ATOM   547 N N1    . U   B 1 12 ? -5.263  -0.476  11.965  1.00 28.46  ? 12  U   B N1    1 
ATOM   548 C C2    . U   B 1 12 ? -5.031  0.669   11.225  1.00 29.85  ? 12  U   B C2    1 
ATOM   549 O O2    . U   B 1 12 ? -4.261  1.552   11.587  1.00 29.99  ? 12  U   B O2    1 
ATOM   550 N N3    . U   B 1 12 ? -5.792  0.780   10.096  1.00 28.38  ? 12  U   B N3    1 
ATOM   551 C C4    . U   B 1 12 ? -6.704  -0.135  9.609   1.00 30.24  ? 12  U   B C4    1 
ATOM   552 O O4    . U   B 1 12 ? -7.248  0.071   8.527   1.00 30.87  ? 12  U   B O4    1 
ATOM   553 C C5    . U   B 1 12 ? -6.889  -1.289  10.433  1.00 29.21  ? 12  U   B C5    1 
ATOM   554 C C6    . U   B 1 12 ? -6.213  -1.391  11.580  1.00 30.02  ? 12  U   B C6    1 
ATOM   555 P P     . C   B 1 13 ? -7.891  0.064   16.449  1.00 33.70  ? 13  C   B P     1 
ATOM   556 O OP1   . C   B 1 13 ? -8.012  0.124   17.911  1.00 35.17  ? 13  C   B OP1   1 
ATOM   557 O OP2   . C   B 1 13 ? -8.947  -0.476  15.595  1.00 26.83  ? 13  C   B OP2   1 
ATOM   558 O "O5'" . C   B 1 13 ? -7.725  1.542   15.854  1.00 33.10  ? 13  C   B "O5'" 1 
ATOM   559 C "C5'" . C   B 1 13 ? -6.842  2.499   16.493  1.00 30.21  ? 13  C   B "C5'" 1 
ATOM   560 C "C4'" . C   B 1 13 ? -6.607  3.727   15.630  1.00 29.84  ? 13  C   B "C4'" 1 
ATOM   561 O "O4'" . C   B 1 13 ? -5.976  3.375   14.355  1.00 27.41  ? 13  C   B "O4'" 1 
ATOM   562 C "C3'" . C   B 1 13 ? -7.816  4.561   15.229  1.00 29.72  ? 13  C   B "C3'" 1 
ATOM   563 O "O3'" . C   B 1 13 ? -8.158  5.475   16.263  1.00 33.01  ? 13  C   B "O3'" 1 
ATOM   564 C "C2'" . C   B 1 13 ? -7.232  5.353   14.063  1.00 29.70  ? 13  C   B "C2'" 1 
ATOM   565 O "O2'" . C   B 1 13 ? -6.204  6.202   14.464  1.00 28.74  ? 13  C   B "O2'" 1 
ATOM   566 C "C1'" . C   B 1 13 ? -6.443  4.263   13.338  1.00 28.84  ? 13  C   B "C1'" 1 
ATOM   567 N N1    . C   B 1 13 ? -7.303  3.566   12.350  1.00 26.65  ? 13  C   B N1    1 
ATOM   568 C C2    . C   B 1 13 ? -7.516  4.209   11.112  1.00 27.24  ? 13  C   B C2    1 
ATOM   569 O O2    . C   B 1 13 ? -6.964  5.295   10.903  1.00 26.94  ? 13  C   B O2    1 
ATOM   570 N N3    . C   B 1 13 ? -8.317  3.630   10.188  1.00 25.58  ? 13  C   B N3    1 
ATOM   571 C C4    . C   B 1 13 ? -8.906  2.466   10.459  1.00 26.97  ? 13  C   B C4    1 
ATOM   572 N N4    . C   B 1 13 ? -9.663  1.922   9.514   1.00 25.53  ? 13  C   B N4    1 
ATOM   573 C C5    . C   B 1 13 ? -8.705  1.785   11.703  1.00 28.11  ? 13  C   B C5    1 
ATOM   574 C C6    . C   B 1 13 ? -7.901  2.365   12.611  1.00 28.12  ? 13  C   B C6    1 
ATOM   575 P P     . U   B 1 14 ? -9.618  5.996   16.425  1.00 38.44  ? 14  U   B P     1 
ATOM   576 O OP1   . U   B 1 14 ? -9.672  6.718   17.712  1.00 39.29  ? 14  U   B OP1   1 
ATOM   577 O OP2   . U   B 1 14 ? -10.590 4.928   16.107  1.00 34.04  ? 14  U   B OP2   1 
ATOM   578 O "O5'" . U   B 1 14 ? -9.811  7.049   15.251  1.00 31.62  ? 14  U   B "O5'" 1 
ATOM   579 C "C5'" . U   B 1 14 ? -9.152  8.331   15.254  1.00 33.25  ? 14  U   B "C5'" 1 
ATOM   580 C "C4'" . U   B 1 14 ? -9.526  9.095   13.993  1.00 32.69  ? 14  U   B "C4'" 1 
ATOM   581 O "O4'" . U   B 1 14 ? -9.087  8.351   12.819  1.00 27.71  ? 14  U   B "O4'" 1 
ATOM   582 C "C3'" . U   B 1 14 ? -11.005 9.268   13.713  1.00 31.70  ? 14  U   B "C3'" 1 
ATOM   583 O "O3'" . U   B 1 14 ? -11.591 10.272  14.518  1.00 36.76  ? 14  U   B "O3'" 1 
ATOM   584 C "C2'" . U   B 1 14 ? -10.971 9.643   12.236  1.00 31.93  ? 14  U   B "C2'" 1 
ATOM   585 O "O2'" . U   B 1 14 ? -10.430 10.916  11.933  1.00 30.66  ? 14  U   B "O2'" 1 
ATOM   586 C "C1'" . U   B 1 14 ? -9.927  8.655   11.727  1.00 29.16  ? 14  U   B "C1'" 1 
ATOM   587 N N1    . U   B 1 14 ? -10.492 7.411   11.189  1.00 25.36  ? 14  U   B N1    1 
ATOM   588 C C2    . U   B 1 14 ? -11.036 7.486   9.926   1.00 26.74  ? 14  U   B C2    1 
ATOM   589 O O2    . U   B 1 14 ? -11.030 8.510   9.260   1.00 29.71  ? 14  U   B O2    1 
ATOM   590 N N3    . U   B 1 14 ? -11.488 6.299   9.422   1.00 25.23  ? 14  U   B N3    1 
ATOM   591 C C4    . U   B 1 14 ? -11.556 5.092   10.072  1.00 26.53  ? 14  U   B C4    1 
ATOM   592 O O4    . U   B 1 14 ? -12.059 4.133   9.499   1.00 24.43  ? 14  U   B O4    1 
ATOM   593 C C5    . U   B 1 14 ? -11.015 5.098   11.401  1.00 25.46  ? 14  U   B C5    1 
ATOM   594 C C6    . U   B 1 14 ? -10.527 6.236   11.906  1.00 27.75  ? 14  U   B C6    1 
HETATM 595 P P     . AMP C 2 .  ? -14.443 -1.816  8.858   1.00 104.59 ? 101 AMP A P     1 
HETATM 596 O O1P   . AMP C 2 .  ? -14.930 -2.786  9.845   1.00 100.58 ? 101 AMP A O1P   1 
HETATM 597 O O2P   . AMP C 2 .  ? -15.370 -1.593  7.691   1.00 94.85  ? 101 AMP A O2P   1 
HETATM 598 O O3P   . AMP C 2 .  ? -12.912 -1.913  8.466   1.00 89.89  ? 101 AMP A O3P   1 
HETATM 599 O "O5'" . AMP C 2 .  ? -14.445 -0.397  9.638   1.00 94.72  ? 101 AMP A "O5'" 1 
HETATM 600 C "C5'" . AMP C 2 .  ? -15.536 0.294   10.207  1.00 82.47  ? 101 AMP A "C5'" 1 
HETATM 601 C "C4'" . AMP C 2 .  ? -15.311 1.695   10.764  1.00 76.06  ? 101 AMP A "C4'" 1 
HETATM 602 O "O4'" . AMP C 2 .  ? -14.931 2.476   9.537   1.00 64.82  ? 101 AMP A "O4'" 1 
HETATM 603 C "C3'" . AMP C 2 .  ? -16.403 2.449   11.431  1.00 76.13  ? 101 AMP A "C3'" 1 
HETATM 604 O "O3'" . AMP C 2 .  ? -16.890 1.979   12.653  1.00 73.56  ? 101 AMP A "O3'" 1 
HETATM 605 C "C2'" . AMP C 2 .  ? -15.839 3.875   11.273  1.00 70.01  ? 101 AMP A "C2'" 1 
HETATM 606 O "O2'" . AMP C 2 .  ? -14.859 4.094   12.345  1.00 70.65  ? 101 AMP A "O2'" 1 
HETATM 607 C "C1'" . AMP C 2 .  ? -15.054 3.863   9.962   1.00 60.57  ? 101 AMP A "C1'" 1 
HETATM 608 N N9    . AMP C 2 .  ? -15.587 4.710   8.810   1.00 31.66  ? 101 AMP A N9    1 
HETATM 609 C C8    . AMP C 2 .  ? -16.226 4.307   7.665   1.00 28.39  ? 101 AMP A C8    1 
HETATM 610 N N7    . AMP C 2 .  ? -16.518 5.287   6.848   1.00 32.64  ? 101 AMP A N7    1 
HETATM 611 C C5    . AMP C 2 .  ? -16.034 6.414   7.496   1.00 31.54  ? 101 AMP A C5    1 
HETATM 612 C C6    . AMP C 2 .  ? -16.006 7.776   7.136   1.00 35.39  ? 101 AMP A C6    1 
HETATM 613 N N6    . AMP C 2 .  ? -16.545 8.252   6.019   1.00 35.29  ? 101 AMP A N6    1 
HETATM 614 N N1    . AMP C 2 .  ? -15.471 8.649   8.019   1.00 32.40  ? 101 AMP A N1    1 
HETATM 615 C C2    . AMP C 2 .  ? -14.944 8.169   9.147   1.00 33.05  ? 101 AMP A C2    1 
HETATM 616 N N3    . AMP C 2 .  ? -14.898 6.910   9.591   1.00 31.59  ? 101 AMP A N3    1 
HETATM 617 C C4    . AMP C 2 .  ? -15.494 6.080   8.722   1.00 32.24  ? 101 AMP A C4    1 
HETATM 618 P P     . AMP D 2 .  ? 12.385  -4.580  -6.718  1.00 68.94  ? 101 AMP B P     1 
HETATM 619 O O1P   . AMP D 2 .  ? 11.202  -3.707  -6.115  1.00 72.64  ? 101 AMP B O1P   1 
HETATM 620 O O2P   . AMP D 2 .  ? 13.458  -4.956  -5.773  1.00 77.02  ? 101 AMP B O2P   1 
HETATM 621 O O3P   . AMP D 2 .  ? 11.963  -5.645  -7.605  1.00 80.50  ? 101 AMP B O3P   1 
HETATM 622 O "O5'" . AMP D 2 .  ? 13.114  -3.489  -7.707  1.00 58.42  ? 101 AMP B "O5'" 1 
HETATM 623 C "C5'" . AMP D 2 .  ? 13.936  -3.725  -8.832  1.00 51.81  ? 101 AMP B "C5'" 1 
HETATM 624 C "C4'" . AMP D 2 .  ? 13.625  -2.675  -9.911  1.00 46.70  ? 101 AMP B "C4'" 1 
HETATM 625 O "O4'" . AMP D 2 .  ? 12.936  -1.386  -9.563  1.00 45.15  ? 101 AMP B "O4'" 1 
HETATM 626 C "C3'" . AMP D 2 .  ? 14.979  -2.145  -10.426 1.00 48.57  ? 101 AMP B "C3'" 1 
HETATM 627 O "O3'" . AMP D 2 .  ? 15.600  -3.219  -11.150 1.00 50.34  ? 101 AMP B "O3'" 1 
HETATM 628 C "C2'" . AMP D 2 .  ? 14.538  -0.962  -11.274 1.00 43.90  ? 101 AMP B "C2'" 1 
HETATM 629 O "O2'" . AMP D 2 .  ? 13.835  -1.459  -12.387 1.00 46.02  ? 101 AMP B "O2'" 1 
HETATM 630 C "C1'" . AMP D 2 .  ? 13.531  -0.297  -10.313 1.00 43.67  ? 101 AMP B "C1'" 1 
HETATM 631 N N9    . AMP D 2 .  ? 14.152  0.663   -9.375  1.00 31.66  ? 101 AMP B N9    1 
HETATM 632 C C8    . AMP D 2 .  ? 14.862  0.466   -8.218  1.00 28.39  ? 101 AMP B C8    1 
HETATM 633 N N7    . AMP D 2 .  ? 15.232  1.575   -7.628  1.00 32.64  ? 101 AMP B N7    1 
HETATM 634 C C5    . AMP D 2 .  ? 14.726  2.573   -8.448  1.00 31.54  ? 101 AMP B C5    1 
HETATM 635 C C6    . AMP D 2 .  ? 14.751  3.978   -8.357  1.00 35.39  ? 101 AMP B C6    1 
HETATM 636 N N6    . AMP D 2 .  ? 15.377  4.642   -7.392  1.00 35.29  ? 101 AMP B N6    1 
HETATM 637 N N1    . AMP D 2 .  ? 14.172  4.683   -9.355  1.00 32.40  ? 101 AMP B N1    1 
HETATM 638 C C2    . AMP D 2 .  ? 13.555  4.012   -10.332 1.00 33.05  ? 101 AMP B C2    1 
HETATM 639 N N3    . AMP D 2 .  ? 13.453  2.694   -10.520 1.00 31.59  ? 101 AMP B N3    1 
HETATM 640 C C4    . AMP D 2 .  ? 14.093  2.028   -9.547  1.00 32.24  ? 101 AMP B C4    1 
HETATM 641 P P     . AMP E 2 .  ? 15.701  2.864   -14.987 1.00 66.57  ? 102 AMP B P     1 
HETATM 642 O O1P   . AMP E 2 .  ? 14.129  3.138   -14.946 1.00 67.01  ? 102 AMP B O1P   1 
HETATM 643 O O2P   . AMP E 2 .  ? 16.138  1.445   -14.956 1.00 55.84  ? 102 AMP B O2P   1 
HETATM 644 O O3P   . AMP E 2 .  ? 16.365  3.693   -15.927 1.00 63.02  ? 102 AMP B O3P   1 
HETATM 645 O "O5'" . AMP E 2 .  ? 16.132  3.470   -13.526 1.00 63.41  ? 102 AMP B "O5'" 1 
HETATM 646 C "C5'" . AMP E 2 .  ? 15.888  4.865   -13.270 1.00 63.07  ? 102 AMP B "C5'" 1 
HETATM 647 C "C4'" . AMP E 2 .  ? 16.771  5.316   -12.139 1.00 54.97  ? 102 AMP B "C4'" 1 
HETATM 648 O "O4'" . AMP E 2 .  ? 16.666  4.281   -11.181 1.00 55.81  ? 102 AMP B "O4'" 1 
HETATM 649 C "C3'" . AMP E 2 .  ? 18.223  5.400   -12.592 1.00 55.34  ? 102 AMP B "C3'" 1 
HETATM 650 O "O3'" . AMP E 2 .  ? 18.622  6.767   -12.392 1.00 57.56  ? 102 AMP B "O3'" 1 
HETATM 651 C "C2'" . AMP E 2 .  ? 19.009  4.478   -11.606 1.00 53.76  ? 102 AMP B "C2'" 1 
HETATM 652 O "O2'" . AMP E 2 .  ? 20.098  5.207   -10.990 1.00 60.31  ? 102 AMP B "O2'" 1 
HETATM 653 C "C1'" . AMP E 2 .  ? 17.959  4.101   -10.532 1.00 45.53  ? 102 AMP B "C1'" 1 
HETATM 654 N N9    . AMP E 2 .  ? 17.893  2.706   -10.226 1.00 31.66  ? 102 AMP B N9    1 
HETATM 655 C C8    . AMP E 2 .  ? 17.499  1.600   -10.936 1.00 28.39  ? 102 AMP B C8    1 
HETATM 656 N N7    . AMP E 2 .  ? 17.657  0.472   -10.292 1.00 32.64  ? 102 AMP B N7    1 
HETATM 657 C C5    . AMP E 2 .  ? 18.186  0.858   -9.069  1.00 31.54  ? 102 AMP B C5    1 
HETATM 658 C C6    . AMP E 2 .  ? 18.552  0.129   -7.922  1.00 35.39  ? 102 AMP B C6    1 
HETATM 659 N N6    . AMP E 2 .  ? 18.487  -1.196  -7.841  1.00 35.29  ? 102 AMP B N6    1 
HETATM 660 N N1    . AMP E 2 .  ? 19.072  0.815   -6.880  1.00 32.40  ? 102 AMP B N1    1 
HETATM 661 C C2    . AMP E 2 .  ? 19.150  2.145   -6.970  1.00 33.05  ? 102 AMP B C2    1 
HETATM 662 N N3    . AMP E 2 .  ? 18.826  2.943   -7.989  1.00 31.59  ? 102 AMP B N3    1 
HETATM 663 C C4    . AMP E 2 .  ? 18.374  2.225   -9.029  1.00 32.24  ? 102 AMP B C4    1 
HETATM 664 O O     . HOH F 3 .  ? 3.163   -10.005 7.157   1.00 36.06  ? 201 HOH A O     1 
HETATM 665 O O     . HOH F 3 .  ? 4.686   -1.222  12.277  1.00 37.76  ? 202 HOH A O     1 
HETATM 666 O O     . HOH F 3 .  ? -6.129  7.898   -2.347  1.00 35.83  ? 203 HOH A O     1 
HETATM 667 O O     . HOH F 3 .  ? 11.273  6.762   -11.234 1.00 44.20  ? 204 HOH A O     1 
HETATM 668 O O     . HOH F 3 .  ? 1.101   -10.856 1.257   1.00 30.01  ? 205 HOH A O     1 
HETATM 669 O O     . HOH F 3 .  ? -12.873 3.564   0.862   1.00 35.59  ? 206 HOH A O     1 
HETATM 670 O O     . HOH F 3 .  ? -13.263 10.727  4.449   1.00 32.79  ? 207 HOH A O     1 
HETATM 671 O O     . HOH F 3 .  ? 5.431   -13.444 2.231   0.33 28.23  ? 208 HOH A O     1 
HETATM 672 O O     . HOH F 3 .  ? -12.656 8.811   -3.479  1.00 32.49  ? 209 HOH A O     1 
HETATM 673 O O     . HOH F 3 .  ? -11.287 2.565   3.772   1.00 30.87  ? 210 HOH A O     1 
HETATM 674 O O     . HOH F 3 .  ? 13.068  6.821   -13.334 1.00 36.22  ? 211 HOH A O     1 
HETATM 675 O O     . HOH G 3 .  ? 12.480  0.555   -3.238  1.00 29.02  ? 201 HOH B O     1 
HETATM 676 O O     . HOH G 3 .  ? 13.178  5.505   -15.180 1.00 47.96  ? 202 HOH B O     1 
HETATM 677 O O     . HOH G 3 .  ? 6.076   2.171   -3.489  1.00 38.09  ? 203 HOH B O     1 
HETATM 678 O O     . HOH G 3 .  ? -4.240  -6.782  15.252  1.00 35.53  ? 204 HOH B O     1 
HETATM 679 O O     . HOH G 3 .  ? 10.070  0.708   -3.817  1.00 30.03  ? 205 HOH B O     1 
HETATM 680 O O     . HOH G 3 .  ? -5.303  -11.735 10.371  0.33 28.42  ? 206 HOH B O     1 
HETATM 681 O O     . HOH G 3 .  ? 11.589  8.632   1.431   1.00 30.24  ? 207 HOH B O     1 
HETATM 682 O O     . HOH G 3 .  ? -7.478  -11.388 12.021  0.33 29.85  ? 208 HOH B O     1 
# 
loop_
_pdbx_poly_seq_scheme.asym_id 
_pdbx_poly_seq_scheme.entity_id 
_pdbx_poly_seq_scheme.seq_id 
_pdbx_poly_seq_scheme.mon_id 
_pdbx_poly_seq_scheme.ndb_seq_num 
_pdbx_poly_seq_scheme.pdb_seq_num 
_pdbx_poly_seq_scheme.auth_seq_num 
_pdbx_poly_seq_scheme.pdb_mon_id 
_pdbx_poly_seq_scheme.auth_mon_id 
_pdbx_poly_seq_scheme.pdb_strand_id 
_pdbx_poly_seq_scheme.pdb_ins_code 
_pdbx_poly_seq_scheme.hetero 
A 1 1  TLN 1  1  1  TLN TLN A . n 
A 1 2  TLN 2  2  2  TLN TLN A . n 
A 1 3  LCA 3  3  3  LCA LCA A . n 
A 1 4  LCG 4  4  4  LCG LCG A . n 
A 1 5  A   5  5  5  A   A   A . n 
A 1 6  C   6  6  6  C   C   A . n 
A 1 7  U   7  7  7  U   U   A . n 
A 1 8  U   8  8  8  U   U   A . n 
A 1 9  A   9  9  9  A   A   A . n 
A 1 10 A   10 10 10 A   A   A . n 
A 1 11 G   11 11 11 G   G   A . n 
A 1 12 U   12 12 12 U   U   A . n 
A 1 13 C   13 13 13 C   C   A . n 
A 1 14 U   14 14 14 U   U   A . n 
B 1 1  TLN 1  1  1  TLN TLN B . n 
B 1 2  TLN 2  2  2  TLN TLN B . n 
B 1 3  LCA 3  3  3  LCA LCA B . n 
B 1 4  LCG 4  4  4  LCG LCG B . n 
B 1 5  A   5  5  5  A   A   B . n 
B 1 6  C   6  6  6  C   C   B . n 
B 1 7  U   7  7  7  U   U   B . n 
B 1 8  U   8  8  8  U   U   B . n 
B 1 9  A   9  9  9  A   A   B . n 
B 1 10 A   10 10 10 A   A   B . n 
B 1 11 G   11 11 11 G   G   B . n 
B 1 12 U   12 12 12 U   U   B . n 
B 1 13 C   13 13 13 C   C   B . n 
B 1 14 U   14 14 14 U   U   B . n 
# 
_pdbx_contact_author.id                 2 
_pdbx_contact_author.email              wz15@iu.edu 
_pdbx_contact_author.name_first         Wen 
_pdbx_contact_author.name_last          Zhang 
_pdbx_contact_author.name_mi            ? 
_pdbx_contact_author.role               'principal investigator/group leader' 
_pdbx_contact_author.identifier_ORCID   0000-0003-4811-4384 
# 
loop_
_pdbx_nonpoly_scheme.asym_id 
_pdbx_nonpoly_scheme.entity_id 
_pdbx_nonpoly_scheme.mon_id 
_pdbx_nonpoly_scheme.ndb_seq_num 
_pdbx_nonpoly_scheme.pdb_seq_num 
_pdbx_nonpoly_scheme.auth_seq_num 
_pdbx_nonpoly_scheme.pdb_mon_id 
_pdbx_nonpoly_scheme.auth_mon_id 
_pdbx_nonpoly_scheme.pdb_strand_id 
_pdbx_nonpoly_scheme.pdb_ins_code 
C 2 AMP 1  101 1  AMP A   A . 
D 2 AMP 1  101 2  AMP A   B . 
E 2 AMP 1  102 3  AMP A   B . 
F 3 HOH 1  201 7  HOH HOH A . 
F 3 HOH 2  202 12 HOH HOH A . 
F 3 HOH 3  203 13 HOH HOH A . 
F 3 HOH 4  204 10 HOH HOH A . 
F 3 HOH 5  205 14 HOH HOH A . 
F 3 HOH 6  206 4  HOH HOH A . 
F 3 HOH 7  207 2  HOH HOH A . 
F 3 HOH 8  208 8  HOH HOH A . 
F 3 HOH 9  209 5  HOH HOH A . 
F 3 HOH 10 210 3  HOH HOH A . 
F 3 HOH 11 211 9  HOH HOH A . 
G 3 HOH 1  201 18 HOH HOH B . 
G 3 HOH 2  202 11 HOH HOH B . 
G 3 HOH 3  203 20 HOH HOH B . 
G 3 HOH 4  204 21 HOH HOH B . 
G 3 HOH 5  205 19 HOH HOH B . 
G 3 HOH 6  206 16 HOH HOH B . 
G 3 HOH 7  207 17 HOH HOH B . 
G 3 HOH 8  208 15 HOH HOH B . 
# 
_pdbx_struct_assembly.id                   1 
_pdbx_struct_assembly.details              author_defined_assembly 
_pdbx_struct_assembly.method_details       ? 
_pdbx_struct_assembly.oligomeric_details   dimeric 
_pdbx_struct_assembly.oligomeric_count     2 
# 
_pdbx_struct_assembly_gen.assembly_id       1 
_pdbx_struct_assembly_gen.oper_expression   1 
_pdbx_struct_assembly_gen.asym_id_list      A,B,C,D,E,F,G 
# 
loop_
_pdbx_struct_assembly_prop.biol_id 
_pdbx_struct_assembly_prop.type 
_pdbx_struct_assembly_prop.value 
_pdbx_struct_assembly_prop.details 
1 'ABSA (A^2)' 4410 ? 
1 MORE         24   ? 
1 'SSA (A^2)'  5420 ? 
# 
_pdbx_struct_oper_list.id                   1 
_pdbx_struct_oper_list.type                 'identity operation' 
_pdbx_struct_oper_list.name                 1_555 
_pdbx_struct_oper_list.symmetry_operation   x,y,z 
_pdbx_struct_oper_list.matrix[1][1]         1.0000000000 
_pdbx_struct_oper_list.matrix[1][2]         0.0000000000 
_pdbx_struct_oper_list.matrix[1][3]         0.0000000000 
_pdbx_struct_oper_list.vector[1]            0.0000000000 
_pdbx_struct_oper_list.matrix[2][1]         0.0000000000 
_pdbx_struct_oper_list.matrix[2][2]         1.0000000000 
_pdbx_struct_oper_list.matrix[2][3]         0.0000000000 
_pdbx_struct_oper_list.vector[2]            0.0000000000 
_pdbx_struct_oper_list.matrix[3][1]         0.0000000000 
_pdbx_struct_oper_list.matrix[3][2]         0.0000000000 
_pdbx_struct_oper_list.matrix[3][3]         1.0000000000 
_pdbx_struct_oper_list.vector[3]            0.0000000000 
# 
loop_
_pdbx_struct_special_symmetry.id 
_pdbx_struct_special_symmetry.PDB_model_num 
_pdbx_struct_special_symmetry.auth_asym_id 
_pdbx_struct_special_symmetry.auth_comp_id 
_pdbx_struct_special_symmetry.auth_seq_id 
_pdbx_struct_special_symmetry.PDB_ins_code 
_pdbx_struct_special_symmetry.label_asym_id 
_pdbx_struct_special_symmetry.label_comp_id 
_pdbx_struct_special_symmetry.label_seq_id 
1 1 A HOH 208 ? F HOH . 
2 1 B HOH 206 ? G HOH . 
3 1 B HOH 208 ? G HOH . 
# 
loop_
_pdbx_audit_revision_history.ordinal 
_pdbx_audit_revision_history.data_content_type 
_pdbx_audit_revision_history.major_revision 
_pdbx_audit_revision_history.minor_revision 
_pdbx_audit_revision_history.revision_date 
1 'Structure model' 1 0 2023-05-31 
2 'Structure model' 1 1 2023-10-25 
3 'Structure model' 1 2 2023-12-13 
# 
_pdbx_audit_revision_details.ordinal             1 
_pdbx_audit_revision_details.revision_ordinal    1 
_pdbx_audit_revision_details.data_content_type   'Structure model' 
_pdbx_audit_revision_details.provider            repository 
_pdbx_audit_revision_details.type                'Initial release' 
_pdbx_audit_revision_details.description         ? 
_pdbx_audit_revision_details.details             ? 
# 
loop_
_pdbx_audit_revision_group.ordinal 
_pdbx_audit_revision_group.revision_ordinal 
_pdbx_audit_revision_group.data_content_type 
_pdbx_audit_revision_group.group 
1 2 'Structure model' 'Data collection'        
2 2 'Structure model' 'Refinement description' 
3 3 'Structure model' 'Database references'    
# 
loop_
_pdbx_audit_revision_category.ordinal 
_pdbx_audit_revision_category.revision_ordinal 
_pdbx_audit_revision_category.data_content_type 
_pdbx_audit_revision_category.category 
1 2 'Structure model' chem_comp_atom                
2 2 'Structure model' chem_comp_bond                
3 2 'Structure model' pdbx_initial_refinement_model 
4 3 'Structure model' citation                      
5 3 'Structure model' citation_author               
# 
loop_
_pdbx_audit_revision_item.ordinal 
_pdbx_audit_revision_item.revision_ordinal 
_pdbx_audit_revision_item.data_content_type 
_pdbx_audit_revision_item.item 
1  2 'Structure model' '_pdbx_initial_refinement_model.details' 
2  3 'Structure model' '_citation.country'                      
3  3 'Structure model' '_citation.journal_abbrev'               
4  3 'Structure model' '_citation.journal_id_CSD'               
5  3 'Structure model' '_citation.journal_id_ISSN'              
6  3 'Structure model' '_citation.journal_volume'               
7  3 'Structure model' '_citation.page_first'                   
8  3 'Structure model' '_citation.page_last'                    
9  3 'Structure model' '_citation.pdbx_database_id_DOI'         
10 3 'Structure model' '_citation.pdbx_database_id_PubMed'      
11 3 'Structure model' '_citation.title'                        
12 3 'Structure model' '_citation.year'                         
# 
loop_
_software.citation_id 
_software.classification 
_software.compiler_name 
_software.compiler_version 
_software.contact_author 
_software.contact_author_email 
_software.date 
_software.description 
_software.dependencies 
_software.hardware 
_software.language 
_software.location 
_software.mods 
_software.name 
_software.os 
_software.os_version 
_software.type 
_software.version 
_software.pdbx_ordinal 
? refinement       ? ? ? ? ? ? ? ? ? ? ? REFMAC   ? ? ? 5.8.0267 1 
? 'data reduction' ? ? ? ? ? ? ? ? ? ? ? HKL-2000 ? ? ? .        2 
? 'data scaling'   ? ? ? ? ? ? ? ? ? ? ? HKL-2000 ? ? ? .        3 
? phasing          ? ? ? ? ? ? ? ? ? ? ? PHASER   ? ? ? .        4 
# 
_pdbx_entry_details.entry_id                 8SXL 
_pdbx_entry_details.has_ligand_of_interest   Y 
_pdbx_entry_details.compound_details         ? 
_pdbx_entry_details.source_details           ? 
_pdbx_entry_details.nonpolymer_details       ? 
_pdbx_entry_details.sequence_details         ? 
# 
loop_
_chem_comp_atom.comp_id 
_chem_comp_atom.atom_id 
_chem_comp_atom.type_symbol 
_chem_comp_atom.pdbx_aromatic_flag 
_chem_comp_atom.pdbx_stereo_config 
_chem_comp_atom.pdbx_ordinal 
A   OP3    O N N 1   
A   P      P N N 2   
A   OP1    O N N 3   
A   OP2    O N N 4   
A   "O5'"  O N N 5   
A   "C5'"  C N N 6   
A   "C4'"  C N R 7   
A   "O4'"  O N N 8   
A   "C3'"  C N S 9   
A   "O3'"  O N N 10  
A   "C2'"  C N R 11  
A   "O2'"  O N N 12  
A   "C1'"  C N R 13  
A   N9     N Y N 14  
A   C8     C Y N 15  
A   N7     N Y N 16  
A   C5     C Y N 17  
A   C6     C Y N 18  
A   N6     N N N 19  
A   N1     N Y N 20  
A   C2     C Y N 21  
A   N3     N Y N 22  
A   C4     C Y N 23  
A   HOP3   H N N 24  
A   HOP2   H N N 25  
A   "H5'"  H N N 26  
A   "H5''" H N N 27  
A   "H4'"  H N N 28  
A   "H3'"  H N N 29  
A   "HO3'" H N N 30  
A   "H2'"  H N N 31  
A   "HO2'" H N N 32  
A   "H1'"  H N N 33  
A   H8     H N N 34  
A   H61    H N N 35  
A   H62    H N N 36  
A   H2     H N N 37  
AMP P      P N N 38  
AMP O1P    O N N 39  
AMP O2P    O N N 40  
AMP O3P    O N N 41  
AMP "O5'"  O N N 42  
AMP "C5'"  C N N 43  
AMP "C4'"  C N R 44  
AMP "O4'"  O N N 45  
AMP "C3'"  C N S 46  
AMP "O3'"  O N N 47  
AMP "C2'"  C N R 48  
AMP "O2'"  O N N 49  
AMP "C1'"  C N R 50  
AMP N9     N Y N 51  
AMP C8     C Y N 52  
AMP N7     N Y N 53  
AMP C5     C Y N 54  
AMP C6     C Y N 55  
AMP N6     N N N 56  
AMP N1     N Y N 57  
AMP C2     C Y N 58  
AMP N3     N Y N 59  
AMP C4     C Y N 60  
AMP HOP2   H N N 61  
AMP HOP3   H N N 62  
AMP "H5'1" H N N 63  
AMP "H5'2" H N N 64  
AMP "H4'"  H N N 65  
AMP "H3'"  H N N 66  
AMP "HO3'" H N N 67  
AMP "H2'"  H N N 68  
AMP "HO2'" H N N 69  
AMP "H1'"  H N N 70  
AMP H8     H N N 71  
AMP HN61   H N N 72  
AMP HN62   H N N 73  
AMP H2     H N N 74  
C   OP3    O N N 75  
C   P      P N N 76  
C   OP1    O N N 77  
C   OP2    O N N 78  
C   "O5'"  O N N 79  
C   "C5'"  C N N 80  
C   "C4'"  C N R 81  
C   "O4'"  O N N 82  
C   "C3'"  C N S 83  
C   "O3'"  O N N 84  
C   "C2'"  C N R 85  
C   "O2'"  O N N 86  
C   "C1'"  C N R 87  
C   N1     N N N 88  
C   C2     C N N 89  
C   O2     O N N 90  
C   N3     N N N 91  
C   C4     C N N 92  
C   N4     N N N 93  
C   C5     C N N 94  
C   C6     C N N 95  
C   HOP3   H N N 96  
C   HOP2   H N N 97  
C   "H5'"  H N N 98  
C   "H5''" H N N 99  
C   "H4'"  H N N 100 
C   "H3'"  H N N 101 
C   "HO3'" H N N 102 
C   "H2'"  H N N 103 
C   "HO2'" H N N 104 
C   "H1'"  H N N 105 
C   H41    H N N 106 
C   H42    H N N 107 
C   H5     H N N 108 
C   H6     H N N 109 
G   OP3    O N N 110 
G   P      P N N 111 
G   OP1    O N N 112 
G   OP2    O N N 113 
G   "O5'"  O N N 114 
G   "C5'"  C N N 115 
G   "C4'"  C N R 116 
G   "O4'"  O N N 117 
G   "C3'"  C N S 118 
G   "O3'"  O N N 119 
G   "C2'"  C N R 120 
G   "O2'"  O N N 121 
G   "C1'"  C N R 122 
G   N9     N Y N 123 
G   C8     C Y N 124 
G   N7     N Y N 125 
G   C5     C Y N 126 
G   C6     C N N 127 
G   O6     O N N 128 
G   N1     N N N 129 
G   C2     C N N 130 
G   N2     N N N 131 
G   N3     N N N 132 
G   C4     C Y N 133 
G   HOP3   H N N 134 
G   HOP2   H N N 135 
G   "H5'"  H N N 136 
G   "H5''" H N N 137 
G   "H4'"  H N N 138 
G   "H3'"  H N N 139 
G   "HO3'" H N N 140 
G   "H2'"  H N N 141 
G   "HO2'" H N N 142 
G   "H1'"  H N N 143 
G   H8     H N N 144 
G   H1     H N N 145 
G   H21    H N N 146 
G   H22    H N N 147 
HOH O      O N N 148 
HOH H1     H N N 149 
HOH H2     H N N 150 
LCA P      P N N 151 
LCA O1P    O N N 152 
LCA "O5'"  O N N 153 
LCA "C5'"  C N N 154 
LCA "C3'"  C N S 155 
LCA "C6'"  C N N 156 
LCA N9     N Y N 157 
LCA C8     C Y N 158 
LCA C4     C Y N 159 
LCA N7     N Y N 160 
LCA C5     C Y N 161 
LCA C6     C Y N 162 
LCA "C2'"  C N R 163 
LCA N6     N N N 164 
LCA "C4'"  C N R 165 
LCA "C1'"  C N R 166 
LCA C2     C Y N 167 
LCA N1     N Y N 168 
LCA "O4'"  O N N 169 
LCA O2P    O N N 170 
LCA N3     N Y N 171 
LCA "O3'"  O N N 172 
LCA OXT    O N N 173 
LCA "O2'"  O N N 174 
LCA H1P    H N N 175 
LCA "H5'1" H N N 176 
LCA "H5'2" H N N 177 
LCA "H3'"  H N N 178 
LCA "H6'1" H N N 179 
LCA "H6'2" H N N 180 
LCA H8     H N N 181 
LCA "H2'1" H N N 182 
LCA H61    H N N 183 
LCA H62    H N N 184 
LCA "H1'"  H N N 185 
LCA H2     H N N 186 
LCA HB     H N N 187 
LCA HA     H N N 188 
LCG P      P N N 189 
LCG OP1    O N N 190 
LCG "O5'"  O N N 191 
LCG "C5'"  C N N 192 
LCG "C3'"  C N S 193 
LCG "C6'"  C N N 194 
LCG N9     N Y N 195 
LCG C8     C Y N 196 
LCG C4     C Y N 197 
LCG N7     N Y N 198 
LCG C5     C Y N 199 
LCG C6     C N N 200 
LCG "C2'"  C N R 201 
LCG O6     O N N 202 
LCG "C4'"  C N R 203 
LCG "C1'"  C N R 204 
LCG C2     C N N 205 
LCG N1     N N N 206 
LCG "O4'"  O N N 207 
LCG OP2    O N N 208 
LCG N2     N N N 209 
LCG N3     N N N 210 
LCG "O2'"  O N N 211 
LCG "O3'"  O N N 212 
LCG OP3    O N N 213 
LCG "H5'"  H N N 214 
LCG "H5''" H N N 215 
LCG "H3'"  H N N 216 
LCG "H6'1" H N N 217 
LCG "H6'2" H N N 218 
LCG H8     H N N 219 
LCG "H2'"  H N N 220 
LCG "H1'"  H N N 221 
LCG H1     H N N 222 
LCG HOP2   H N N 223 
LCG H21    H N N 224 
LCG H22    H N N 225 
LCG "HO3'" H N N 226 
LCG HOP3   H N N 227 
TLN P      P N N 228 
TLN OP1    O N N 229 
TLN OP2    O N N 230 
TLN OP3    O N N 231 
TLN "O5'"  O N N 232 
TLN "C5'"  C N N 233 
TLN "C4'"  C N R 234 
TLN "O4'"  O N N 235 
TLN "C1'"  C N R 236 
TLN N1     N N N 237 
TLN C6     C N N 238 
TLN C5     C N N 239 
TLN C5M    C N N 240 
TLN C4     C N N 241 
TLN O4     O N N 242 
TLN N3     N N N 243 
TLN C2     C N N 244 
TLN O2     O N N 245 
TLN "C3'"  C N S 246 
TLN "C2'"  C N R 247 
TLN "O2'"  O N N 248 
TLN "O3'"  O N N 249 
TLN "C6'"  C N N 250 
TLN HOP2   H N N 251 
TLN HOP3   H N N 252 
TLN "H5'"  H N N 253 
TLN "H5''" H N N 254 
TLN "H1'"  H N N 255 
TLN H6     H N N 256 
TLN H71    H N N 257 
TLN H72    H N N 258 
TLN H73    H N N 259 
TLN H3     H N N 260 
TLN "H3'"  H N N 261 
TLN "H2'"  H N N 262 
TLN "HO3'" H N N 263 
TLN "H6'1" H N N 264 
TLN "H6'2" H N N 265 
U   OP3    O N N 266 
U   P      P N N 267 
U   OP1    O N N 268 
U   OP2    O N N 269 
U   "O5'"  O N N 270 
U   "C5'"  C N N 271 
U   "C4'"  C N R 272 
U   "O4'"  O N N 273 
U   "C3'"  C N S 274 
U   "O3'"  O N N 275 
U   "C2'"  C N R 276 
U   "O2'"  O N N 277 
U   "C1'"  C N R 278 
U   N1     N N N 279 
U   C2     C N N 280 
U   O2     O N N 281 
U   N3     N N N 282 
U   C4     C N N 283 
U   O4     O N N 284 
U   C5     C N N 285 
U   C6     C N N 286 
U   HOP3   H N N 287 
U   HOP2   H N N 288 
U   "H5'"  H N N 289 
U   "H5''" H N N 290 
U   "H4'"  H N N 291 
U   "H3'"  H N N 292 
U   "HO3'" H N N 293 
U   "H2'"  H N N 294 
U   "HO2'" H N N 295 
U   "H1'"  H N N 296 
U   H3     H N N 297 
U   H5     H N N 298 
U   H6     H N N 299 
# 
loop_
_chem_comp_bond.comp_id 
_chem_comp_bond.atom_id_1 
_chem_comp_bond.atom_id_2 
_chem_comp_bond.value_order 
_chem_comp_bond.pdbx_aromatic_flag 
_chem_comp_bond.pdbx_stereo_config 
_chem_comp_bond.pdbx_ordinal 
A   OP3   P      sing N N 1   
A   OP3   HOP3   sing N N 2   
A   P     OP1    doub N N 3   
A   P     OP2    sing N N 4   
A   P     "O5'"  sing N N 5   
A   OP2   HOP2   sing N N 6   
A   "O5'" "C5'"  sing N N 7   
A   "C5'" "C4'"  sing N N 8   
A   "C5'" "H5'"  sing N N 9   
A   "C5'" "H5''" sing N N 10  
A   "C4'" "O4'"  sing N N 11  
A   "C4'" "C3'"  sing N N 12  
A   "C4'" "H4'"  sing N N 13  
A   "O4'" "C1'"  sing N N 14  
A   "C3'" "O3'"  sing N N 15  
A   "C3'" "C2'"  sing N N 16  
A   "C3'" "H3'"  sing N N 17  
A   "O3'" "HO3'" sing N N 18  
A   "C2'" "O2'"  sing N N 19  
A   "C2'" "C1'"  sing N N 20  
A   "C2'" "H2'"  sing N N 21  
A   "O2'" "HO2'" sing N N 22  
A   "C1'" N9     sing N N 23  
A   "C1'" "H1'"  sing N N 24  
A   N9    C8     sing Y N 25  
A   N9    C4     sing Y N 26  
A   C8    N7     doub Y N 27  
A   C8    H8     sing N N 28  
A   N7    C5     sing Y N 29  
A   C5    C6     sing Y N 30  
A   C5    C4     doub Y N 31  
A   C6    N6     sing N N 32  
A   C6    N1     doub Y N 33  
A   N6    H61    sing N N 34  
A   N6    H62    sing N N 35  
A   N1    C2     sing Y N 36  
A   C2    N3     doub Y N 37  
A   C2    H2     sing N N 38  
A   N3    C4     sing Y N 39  
AMP P     O1P    doub N N 40  
AMP P     O2P    sing N N 41  
AMP P     O3P    sing N N 42  
AMP P     "O5'"  sing N N 43  
AMP O2P   HOP2   sing N N 44  
AMP O3P   HOP3   sing N N 45  
AMP "O5'" "C5'"  sing N N 46  
AMP "C5'" "C4'"  sing N N 47  
AMP "C5'" "H5'1" sing N N 48  
AMP "C5'" "H5'2" sing N N 49  
AMP "C4'" "O4'"  sing N N 50  
AMP "C4'" "C3'"  sing N N 51  
AMP "C4'" "H4'"  sing N N 52  
AMP "O4'" "C1'"  sing N N 53  
AMP "C3'" "O3'"  sing N N 54  
AMP "C3'" "C2'"  sing N N 55  
AMP "C3'" "H3'"  sing N N 56  
AMP "O3'" "HO3'" sing N N 57  
AMP "C2'" "O2'"  sing N N 58  
AMP "C2'" "C1'"  sing N N 59  
AMP "C2'" "H2'"  sing N N 60  
AMP "O2'" "HO2'" sing N N 61  
AMP "C1'" N9     sing N N 62  
AMP "C1'" "H1'"  sing N N 63  
AMP N9    C8     sing Y N 64  
AMP N9    C4     sing Y N 65  
AMP C8    N7     doub Y N 66  
AMP C8    H8     sing N N 67  
AMP N7    C5     sing Y N 68  
AMP C5    C6     sing Y N 69  
AMP C5    C4     doub Y N 70  
AMP C6    N6     sing N N 71  
AMP C6    N1     doub Y N 72  
AMP N6    HN61   sing N N 73  
AMP N6    HN62   sing N N 74  
AMP N1    C2     sing Y N 75  
AMP C2    N3     doub Y N 76  
AMP C2    H2     sing N N 77  
AMP N3    C4     sing Y N 78  
C   OP3   P      sing N N 79  
C   OP3   HOP3   sing N N 80  
C   P     OP1    doub N N 81  
C   P     OP2    sing N N 82  
C   P     "O5'"  sing N N 83  
C   OP2   HOP2   sing N N 84  
C   "O5'" "C5'"  sing N N 85  
C   "C5'" "C4'"  sing N N 86  
C   "C5'" "H5'"  sing N N 87  
C   "C5'" "H5''" sing N N 88  
C   "C4'" "O4'"  sing N N 89  
C   "C4'" "C3'"  sing N N 90  
C   "C4'" "H4'"  sing N N 91  
C   "O4'" "C1'"  sing N N 92  
C   "C3'" "O3'"  sing N N 93  
C   "C3'" "C2'"  sing N N 94  
C   "C3'" "H3'"  sing N N 95  
C   "O3'" "HO3'" sing N N 96  
C   "C2'" "O2'"  sing N N 97  
C   "C2'" "C1'"  sing N N 98  
C   "C2'" "H2'"  sing N N 99  
C   "O2'" "HO2'" sing N N 100 
C   "C1'" N1     sing N N 101 
C   "C1'" "H1'"  sing N N 102 
C   N1    C2     sing N N 103 
C   N1    C6     sing N N 104 
C   C2    O2     doub N N 105 
C   C2    N3     sing N N 106 
C   N3    C4     doub N N 107 
C   C4    N4     sing N N 108 
C   C4    C5     sing N N 109 
C   N4    H41    sing N N 110 
C   N4    H42    sing N N 111 
C   C5    C6     doub N N 112 
C   C5    H5     sing N N 113 
C   C6    H6     sing N N 114 
G   OP3   P      sing N N 115 
G   OP3   HOP3   sing N N 116 
G   P     OP1    doub N N 117 
G   P     OP2    sing N N 118 
G   P     "O5'"  sing N N 119 
G   OP2   HOP2   sing N N 120 
G   "O5'" "C5'"  sing N N 121 
G   "C5'" "C4'"  sing N N 122 
G   "C5'" "H5'"  sing N N 123 
G   "C5'" "H5''" sing N N 124 
G   "C4'" "O4'"  sing N N 125 
G   "C4'" "C3'"  sing N N 126 
G   "C4'" "H4'"  sing N N 127 
G   "O4'" "C1'"  sing N N 128 
G   "C3'" "O3'"  sing N N 129 
G   "C3'" "C2'"  sing N N 130 
G   "C3'" "H3'"  sing N N 131 
G   "O3'" "HO3'" sing N N 132 
G   "C2'" "O2'"  sing N N 133 
G   "C2'" "C1'"  sing N N 134 
G   "C2'" "H2'"  sing N N 135 
G   "O2'" "HO2'" sing N N 136 
G   "C1'" N9     sing N N 137 
G   "C1'" "H1'"  sing N N 138 
G   N9    C8     sing Y N 139 
G   N9    C4     sing Y N 140 
G   C8    N7     doub Y N 141 
G   C8    H8     sing N N 142 
G   N7    C5     sing Y N 143 
G   C5    C6     sing N N 144 
G   C5    C4     doub Y N 145 
G   C6    O6     doub N N 146 
G   C6    N1     sing N N 147 
G   N1    C2     sing N N 148 
G   N1    H1     sing N N 149 
G   C2    N2     sing N N 150 
G   C2    N3     doub N N 151 
G   N2    H21    sing N N 152 
G   N2    H22    sing N N 153 
G   N3    C4     sing N N 154 
HOH O     H1     sing N N 155 
HOH O     H2     sing N N 156 
LCA P     O1P    sing N N 157 
LCA P     "O5'"  sing N N 158 
LCA P     O2P    doub N N 159 
LCA P     OXT    sing N N 160 
LCA O1P   H1P    sing N N 161 
LCA "O5'" "C5'"  sing N N 162 
LCA "C5'" "C4'"  sing N N 163 
LCA "C5'" "H5'1" sing N N 164 
LCA "C5'" "H5'2" sing N N 165 
LCA "C3'" "C2'"  sing N N 166 
LCA "C3'" "C4'"  sing N N 167 
LCA "C3'" "O3'"  sing N N 168 
LCA "C3'" "H3'"  sing N N 169 
LCA "C6'" "C4'"  sing N N 170 
LCA "C6'" "O2'"  sing N N 171 
LCA "C6'" "H6'1" sing N N 172 
LCA "C6'" "H6'2" sing N N 173 
LCA N9    C8     sing Y N 174 
LCA N9    C4     sing Y N 175 
LCA N9    "C1'"  sing N N 176 
LCA C8    N7     doub Y N 177 
LCA C8    H8     sing N N 178 
LCA C4    C5     doub Y N 179 
LCA C4    N3     sing Y N 180 
LCA N7    C5     sing Y N 181 
LCA C5    C6     sing Y N 182 
LCA C6    N6     sing N N 183 
LCA C6    N1     doub Y N 184 
LCA "C2'" "C1'"  sing N N 185 
LCA "C2'" "O2'"  sing N N 186 
LCA "C2'" "H2'1" sing N N 187 
LCA N6    H61    sing N N 188 
LCA N6    H62    sing N N 189 
LCA "C4'" "O4'"  sing N N 190 
LCA "C1'" "O4'"  sing N N 191 
LCA "C1'" "H1'"  sing N N 192 
LCA C2    N1     sing Y N 193 
LCA C2    N3     doub Y N 194 
LCA C2    H2     sing N N 195 
LCA "O3'" HB     sing N N 196 
LCA OXT   HA     sing N N 197 
LCG P     OP1    doub N N 198 
LCG P     "O5'"  sing N N 199 
LCG P     OP2    sing N N 200 
LCG P     OP3    sing N N 201 
LCG "O5'" "C5'"  sing N N 202 
LCG "C5'" "C4'"  sing N N 203 
LCG "C5'" "H5'"  sing N N 204 
LCG "C5'" "H5''" sing N N 205 
LCG "C3'" "C2'"  sing N N 206 
LCG "C3'" "C4'"  sing N N 207 
LCG "C3'" "O3'"  sing N N 208 
LCG "C3'" "H3'"  sing N N 209 
LCG "C6'" "C4'"  sing N N 210 
LCG "C6'" "O2'"  sing N N 211 
LCG "C6'" "H6'1" sing N N 212 
LCG "C6'" "H6'2" sing N N 213 
LCG N9    C8     sing Y N 214 
LCG N9    C4     sing Y N 215 
LCG N9    "C1'"  sing N N 216 
LCG C8    N7     doub Y N 217 
LCG C8    H8     sing N N 218 
LCG C4    C5     doub Y N 219 
LCG C4    N3     sing N N 220 
LCG N7    C5     sing Y N 221 
LCG C5    C6     sing N N 222 
LCG C6    O6     doub N N 223 
LCG C6    N1     sing N N 224 
LCG "C2'" "C1'"  sing N N 225 
LCG "C2'" "O2'"  sing N N 226 
LCG "C2'" "H2'"  sing N N 227 
LCG "C4'" "O4'"  sing N N 228 
LCG "C1'" "O4'"  sing N N 229 
LCG "C1'" "H1'"  sing N N 230 
LCG C2    N1     sing N N 231 
LCG C2    N2     sing N N 232 
LCG C2    N3     doub N N 233 
LCG N1    H1     sing N N 234 
LCG OP2   HOP2   sing N N 235 
LCG N2    H21    sing N N 236 
LCG N2    H22    sing N N 237 
LCG "O3'" "HO3'" sing N N 238 
LCG OP3   HOP3   sing N N 239 
TLN P     OP1    doub N N 240 
TLN P     OP2    sing N N 241 
TLN P     OP3    sing N N 242 
TLN P     "O5'"  sing N N 243 
TLN OP2   HOP2   sing N N 244 
TLN OP3   HOP3   sing N N 245 
TLN "O5'" "C5'"  sing N N 246 
TLN "C5'" "C4'"  sing N N 247 
TLN "C5'" "H5'"  sing N N 248 
TLN "C5'" "H5''" sing N N 249 
TLN "C4'" "O4'"  sing N N 250 
TLN "C4'" "C3'"  sing N N 251 
TLN "C4'" "C6'"  sing N N 252 
TLN "O4'" "C1'"  sing N N 253 
TLN "C1'" N1     sing N N 254 
TLN "C1'" "C2'"  sing N N 255 
TLN "C1'" "H1'"  sing N N 256 
TLN N1    C6     sing N N 257 
TLN N1    C2     sing N N 258 
TLN C6    C5     doub N N 259 
TLN C6    H6     sing N N 260 
TLN C5    C5M    sing N N 261 
TLN C5    C4     sing N N 262 
TLN C5M   H71    sing N N 263 
TLN C5M   H72    sing N N 264 
TLN C5M   H73    sing N N 265 
TLN C4    O4     doub N N 266 
TLN C4    N3     sing N N 267 
TLN N3    C2     sing N N 268 
TLN N3    H3     sing N N 269 
TLN C2    O2     doub N N 270 
TLN "C3'" "C2'"  sing N N 271 
TLN "C3'" "O3'"  sing N N 272 
TLN "C3'" "H3'"  sing N N 273 
TLN "C2'" "O2'"  sing N N 274 
TLN "C2'" "H2'"  sing N N 275 
TLN "O2'" "C6'"  sing N N 276 
TLN "O3'" "HO3'" sing N N 277 
TLN "C6'" "H6'1" sing N N 278 
TLN "C6'" "H6'2" sing N N 279 
U   OP3   P      sing N N 280 
U   OP3   HOP3   sing N N 281 
U   P     OP1    doub N N 282 
U   P     OP2    sing N N 283 
U   P     "O5'"  sing N N 284 
U   OP2   HOP2   sing N N 285 
U   "O5'" "C5'"  sing N N 286 
U   "C5'" "C4'"  sing N N 287 
U   "C5'" "H5'"  sing N N 288 
U   "C5'" "H5''" sing N N 289 
U   "C4'" "O4'"  sing N N 290 
U   "C4'" "C3'"  sing N N 291 
U   "C4'" "H4'"  sing N N 292 
U   "O4'" "C1'"  sing N N 293 
U   "C3'" "O3'"  sing N N 294 
U   "C3'" "C2'"  sing N N 295 
U   "C3'" "H3'"  sing N N 296 
U   "O3'" "HO3'" sing N N 297 
U   "C2'" "O2'"  sing N N 298 
U   "C2'" "C1'"  sing N N 299 
U   "C2'" "H2'"  sing N N 300 
U   "O2'" "HO2'" sing N N 301 
U   "C1'" N1     sing N N 302 
U   "C1'" "H1'"  sing N N 303 
U   N1    C2     sing N N 304 
U   N1    C6     sing N N 305 
U   C2    O2     doub N N 306 
U   C2    N3     sing N N 307 
U   N3    C4     sing N N 308 
U   N3    H3     sing N N 309 
U   C4    O4     doub N N 310 
U   C4    C5     sing N N 311 
U   C5    C6     doub N N 312 
U   C5    H5     sing N N 313 
U   C6    H6     sing N N 314 
# 
_ndb_struct_conf_na.entry_id   8SXL 
_ndb_struct_conf_na.feature    'a-form double helix' 
# 
loop_
_ndb_struct_na_base_pair.model_number 
_ndb_struct_na_base_pair.i_label_asym_id 
_ndb_struct_na_base_pair.i_label_comp_id 
_ndb_struct_na_base_pair.i_label_seq_id 
_ndb_struct_na_base_pair.i_symmetry 
_ndb_struct_na_base_pair.j_label_asym_id 
_ndb_struct_na_base_pair.j_label_comp_id 
_ndb_struct_na_base_pair.j_label_seq_id 
_ndb_struct_na_base_pair.j_symmetry 
_ndb_struct_na_base_pair.shear 
_ndb_struct_na_base_pair.stretch 
_ndb_struct_na_base_pair.stagger 
_ndb_struct_na_base_pair.buckle 
_ndb_struct_na_base_pair.propeller 
_ndb_struct_na_base_pair.opening 
_ndb_struct_na_base_pair.pair_number 
_ndb_struct_na_base_pair.pair_name 
_ndb_struct_na_base_pair.i_auth_asym_id 
_ndb_struct_na_base_pair.i_auth_seq_id 
_ndb_struct_na_base_pair.i_PDB_ins_code 
_ndb_struct_na_base_pair.j_auth_asym_id 
_ndb_struct_na_base_pair.j_auth_seq_id 
_ndb_struct_na_base_pair.j_PDB_ins_code 
_ndb_struct_na_base_pair.hbond_type_28 
_ndb_struct_na_base_pair.hbond_type_12 
1 A LCA 3  1_555 B U   14 1_555 -0.124 -0.085 0.004  -4.842 -5.408  -1.743 1  A_LCA3:U14_B A 3  ? B 14 ? 20 1 
1 A LCG 4  1_555 B C   13 1_555 -0.358 -0.198 0.064  -4.542 -15.107 0.249  2  A_LCG4:C13_B A 4  ? B 13 ? 19 1 
1 A A   5  1_555 B U   12 1_555 0.323  -0.102 -0.066 0.578  -9.454  -5.484 3  A_A5:U12_B   A 5  ? B 12 ? 20 1 
1 A C   6  1_555 B G   11 1_555 0.095  -0.111 -0.132 8.559  -13.759 0.616  4  A_C6:G11_B   A 6  ? B 11 ? 19 1 
1 A U   7  1_555 B A   10 1_555 0.035  -0.242 -0.037 1.527  -17.910 -0.049 5  A_U7:A10_B   A 7  ? B 10 ? 20 1 
1 A U   8  1_555 B A   9  1_555 0.069  -0.211 0.001  4.359  -9.804  0.553  6  A_U8:A9_B    A 8  ? B 9  ? 20 1 
1 A A   9  1_555 B U   8  1_555 0.001  -0.213 0.012  -2.088 -16.866 2.030  7  A_A9:U8_B    A 9  ? B 8  ? 20 1 
1 A A   10 1_555 B U   7  1_555 0.073  -0.194 -0.112 -3.491 -15.525 -0.494 8  A_A10:U7_B   A 10 ? B 7  ? 20 1 
1 A G   11 1_555 B C   6  1_555 -0.311 -0.201 -0.075 -4.721 -15.661 0.759  9  A_G11:C6_B   A 11 ? B 6  ? 19 1 
1 A U   12 1_555 B A   5  1_555 -0.039 -0.118 -0.137 2.627  -8.286  -7.931 10 A_U12:A5_B   A 12 ? B 5  ? 20 1 
1 A C   13 1_555 B LCG 4  1_555 0.274  -0.151 -0.038 7.623  -11.108 0.305  11 A_C13:LCG4_B A 13 ? B 4  ? 19 1 
1 A U   14 1_555 B LCA 3  1_555 0.036  -0.058 -0.382 12.304 -2.427  -0.806 12 A_U14:LCA3_B A 14 ? B 3  ? 20 1 
# 
loop_
_ndb_struct_na_base_pair_step.model_number 
_ndb_struct_na_base_pair_step.i_label_asym_id_1 
_ndb_struct_na_base_pair_step.i_label_comp_id_1 
_ndb_struct_na_base_pair_step.i_label_seq_id_1 
_ndb_struct_na_base_pair_step.i_symmetry_1 
_ndb_struct_na_base_pair_step.j_label_asym_id_1 
_ndb_struct_na_base_pair_step.j_label_comp_id_1 
_ndb_struct_na_base_pair_step.j_label_seq_id_1 
_ndb_struct_na_base_pair_step.j_symmetry_1 
_ndb_struct_na_base_pair_step.i_label_asym_id_2 
_ndb_struct_na_base_pair_step.i_label_comp_id_2 
_ndb_struct_na_base_pair_step.i_label_seq_id_2 
_ndb_struct_na_base_pair_step.i_symmetry_2 
_ndb_struct_na_base_pair_step.j_label_asym_id_2 
_ndb_struct_na_base_pair_step.j_label_comp_id_2 
_ndb_struct_na_base_pair_step.j_label_seq_id_2 
_ndb_struct_na_base_pair_step.j_symmetry_2 
_ndb_struct_na_base_pair_step.shift 
_ndb_struct_na_base_pair_step.slide 
_ndb_struct_na_base_pair_step.rise 
_ndb_struct_na_base_pair_step.tilt 
_ndb_struct_na_base_pair_step.roll 
_ndb_struct_na_base_pair_step.twist 
_ndb_struct_na_base_pair_step.x_displacement 
_ndb_struct_na_base_pair_step.y_displacement 
_ndb_struct_na_base_pair_step.helical_rise 
_ndb_struct_na_base_pair_step.inclination 
_ndb_struct_na_base_pair_step.tip 
_ndb_struct_na_base_pair_step.helical_twist 
_ndb_struct_na_base_pair_step.step_number 
_ndb_struct_na_base_pair_step.step_name 
_ndb_struct_na_base_pair_step.i_auth_asym_id_1 
_ndb_struct_na_base_pair_step.i_auth_seq_id_1 
_ndb_struct_na_base_pair_step.i_PDB_ins_code_1 
_ndb_struct_na_base_pair_step.j_auth_asym_id_1 
_ndb_struct_na_base_pair_step.j_auth_seq_id_1 
_ndb_struct_na_base_pair_step.j_PDB_ins_code_1 
_ndb_struct_na_base_pair_step.i_auth_asym_id_2 
_ndb_struct_na_base_pair_step.i_auth_seq_id_2 
_ndb_struct_na_base_pair_step.i_PDB_ins_code_2 
_ndb_struct_na_base_pair_step.j_auth_asym_id_2 
_ndb_struct_na_base_pair_step.j_auth_seq_id_2 
_ndb_struct_na_base_pair_step.j_PDB_ins_code_2 
1 A LCA 3  1_555 B U   14 1_555 A LCG 4  1_555 B C   13 1_555 0.426  -2.331 3.192 1.317  10.157 28.221 -6.303 -0.589 2.253 20.015 
-2.596 29.987 1  AA_LCA3LCG4:C13U14_BB A 3  ? B 14 ? A 4  ? B 13 ? 
1 A LCG 4  1_555 B C   13 1_555 A A   5  1_555 B U   12 1_555 -0.553 -1.651 3.091 -0.055 7.425  31.908 -4.069 0.973  2.651 13.282 
0.098  32.739 2  AA_LCG4A5:U12C13_BB   A 4  ? B 13 ? A 5  ? B 12 ? 
1 A A   5  1_555 B U   12 1_555 A C   6  1_555 B G   11 1_555 0.445  -1.659 3.119 0.931  2.777  30.517 -3.649 -0.670 2.971 5.261  
-1.764 30.654 3  AA_A5C6:G11U12_BB     A 5  ? B 12 ? A 6  ? B 11 ? 
1 A C   6  1_555 B G   11 1_555 A U   7  1_555 B A   10 1_555 -0.351 -1.645 3.442 -2.760 10.291 32.291 -4.436 0.166  2.820 17.906 
4.802  33.959 4  AA_C6U7:A10G11_BB     A 6  ? B 11 ? A 7  ? B 10 ? 
1 A U   7  1_555 B A   10 1_555 A U   8  1_555 B A   9  1_555 -0.312 -1.210 3.239 -2.769 9.499  30.725 -3.771 0.098  2.768 17.371 
5.063  32.242 5  AA_U7U8:A9A10_BB      A 7  ? B 10 ? A 8  ? B 9  ? 
1 A U   8  1_555 B A   9  1_555 A A   9  1_555 B U   8  1_555 0.441  -1.468 3.223 1.527  17.067 30.418 -4.740 -0.532 2.143 29.749 
-2.661 34.812 6  AA_U8A9:U8A9_BB       A 8  ? B 9  ? A 9  ? B 8  ? 
1 A A   9  1_555 B U   8  1_555 A A   10 1_555 B U   7  1_555 -0.331 -1.372 3.259 1.239  6.539  32.082 -3.508 0.791  2.915 11.675 
-2.212 32.747 7  AA_A9A10:U7U8_BB      A 9  ? B 8  ? A 10 ? B 7  ? 
1 A A   10 1_555 B U   7  1_555 A G   11 1_555 B C   6  1_555 0.188  -1.527 3.244 1.322  9.800  31.349 -4.257 -0.123 2.664 17.596 
-2.374 32.834 8  AA_A10G11:C6U7_BB     A 10 ? B 7  ? A 11 ? B 6  ? 
1 A G   11 1_555 B C   6  1_555 A U   12 1_555 B A   5  1_555 -0.701 -1.308 3.142 -1.489 4.763  33.830 -2.931 0.973  2.963 8.129  
2.542  34.185 9  AA_G11U12:A5C6_BB     A 11 ? B 6  ? A 12 ? B 5  ? 
1 A U   12 1_555 B A   5  1_555 A C   13 1_555 B LCG 4  1_555 0.911  -1.639 3.100 0.703  8.066  29.314 -4.559 -1.612 2.588 15.567 
-1.357 30.388 10 AA_U12C13:LCG4A5_BB   A 12 ? B 5  ? A 13 ? B 4  ? 
1 A C   13 1_555 B LCG 4  1_555 A U   14 1_555 B LCA 3  1_555 -0.440 -2.272 3.123 -0.017 10.065 28.884 -5.992 0.833  2.224 19.448 
0.033  30.552 11 AA_C13U14:LCA3LCG4_BB A 13 ? B 4  ? A 14 ? B 3  ? 
# 
_pdbx_audit_support.funding_organization   'Not funded' 
_pdbx_audit_support.country                ? 
_pdbx_audit_support.grant_number           ? 
_pdbx_audit_support.ordinal                1 
# 
loop_
_pdbx_entity_instance_feature.ordinal 
_pdbx_entity_instance_feature.comp_id 
_pdbx_entity_instance_feature.asym_id 
_pdbx_entity_instance_feature.seq_num 
_pdbx_entity_instance_feature.auth_comp_id 
_pdbx_entity_instance_feature.auth_asym_id 
_pdbx_entity_instance_feature.auth_seq_num 
_pdbx_entity_instance_feature.feature_type 
_pdbx_entity_instance_feature.details 
1 LCA ? ? LCA ? ? 'SUBJECT OF INVESTIGATION' ? 
2 LCG ? ? LCG ? ? 'SUBJECT OF INVESTIGATION' ? 
3 TLN ? ? TLN ? ? 'SUBJECT OF INVESTIGATION' ? 
# 
loop_
_pdbx_entity_nonpoly.entity_id 
_pdbx_entity_nonpoly.name 
_pdbx_entity_nonpoly.comp_id 
2 'ADENOSINE MONOPHOSPHATE' AMP 
3 water                     HOH 
# 
_pdbx_initial_refinement_model.id               1 
_pdbx_initial_refinement_model.entity_id_list   ? 
_pdbx_initial_refinement_model.type             'experimental model' 
_pdbx_initial_refinement_model.source_name      PDB 
_pdbx_initial_refinement_model.accession_code   8SWG 
_pdbx_initial_refinement_model.details          'PDB entry 8SWG' 
# 
